data_4UFM
#
_entry.id   4UFM
#
_cell.length_a   248.610
_cell.length_b   248.610
_cell.length_c   77.540
_cell.angle_alpha   90.00
_cell.angle_beta   90.00
_cell.angle_gamma   120.00
#
_symmetry.space_group_name_H-M   'H 3 2'
#
loop_
_entity.id
_entity.type
_entity.pdbx_description
1 polymer GALACTOCEREBROSIDASE
2 branched 2-acetamido-2-deoxy-beta-D-glucopyranose-(1-4)-2-acetamido-2-deoxy-beta-D-glucopyranose
3 non-polymer (2R,3S,4R,5S)-2-(hydroxymethyl)piperidine-3,4,5-triol
4 non-polymer 2-acetamido-2-deoxy-beta-D-glucopyranose
5 non-polymer 'CALCIUM ION'
6 water water
#
_entity_poly.entity_id   1
_entity_poly.type   'polypeptide(L)'
_entity_poly.pdbx_seq_one_letter_code
;HHHHHHIEGRGAYVLDDSDGLGREFDGIGAVSGGGATSRLLVNYPEPYRSEILDYLFKPNFGASLHILKVEIGGDGQTTD
GTEPSHMHYELDENYFRGYEWWLMKEAKKRNPDIILMGLPWSFPGWLGKGFSWPYVNLQLTAYYVVRWILGAKHYHDLDI
DYIGIWNERPFDANYIKELRKMLDYQGLQRVRIIASDNLWEPISSSLLLDQELWKVVDVIGAHYPGTYTVWNAKMSGKKL
WSSEDFSTINSNVGAGCWSRILNQNYINGNMTSTIAWNLVASYYEELPYGRSGLMTAQEPWSGHYVVASPIWVSAHTTQF
TQPGWYYLKTVGHLEKGGSYVALTDGLGNLTIIIETMSHQHSMCIRPYLPYYNVSHQLATFTLKGSLREIQELQVWYTKL
GTPQQRLHFKQLDTLWLLDGSGSFTLELEEDEIFTLTTLTTGRKGSYPPPPSSKPFPTNYKDDFNVEYPLFSEAPNFADQ
TGVFEYYMNNEDREHRFTLRQVLNQRPITWAADASSTISVIGDHHWTNMTVQCDVYIETPRSGGVFIAGRVNKGGILIRS
ATGVFFWIFANGSYRVTADLGGWITYASGHADVTAKRWYTLTLGIKGYFAFGMLNGTILWKNVRVKYPGHGWAAIGTHTF
EFAQFDNFRVEAAR
;
_entity_poly.pdbx_strand_id   A
#
loop_
_chem_comp.id
_chem_comp.type
_chem_comp.name
_chem_comp.formula
CA non-polymer 'CALCIUM ION' 'Ca 2'
DGJ non-polymer (2R,3S,4R,5S)-2-(hydroxymethyl)piperidine-3,4,5-triol 'C6 H13 N O4'
NAG D-saccharide, beta linking 2-acetamido-2-deoxy-beta-D-glucopyranose 'C8 H15 N O6'
#
# COMPACT_ATOMS: atom_id res chain seq x y z
N GLY A 11 25.33 20.21 24.31
CA GLY A 11 25.87 20.01 25.65
C GLY A 11 25.44 18.67 26.22
N ALA A 12 24.83 18.71 27.39
CA ALA A 12 24.38 17.49 28.05
C ALA A 12 22.87 17.33 27.93
N TYR A 13 22.42 16.09 27.77
CA TYR A 13 20.99 15.78 27.69
C TYR A 13 20.61 14.77 28.77
N VAL A 14 19.78 15.20 29.70
CA VAL A 14 19.35 14.31 30.78
C VAL A 14 18.26 13.34 30.31
N LEU A 15 18.49 12.05 30.56
CA LEU A 15 17.48 11.03 30.32
C LEU A 15 17.04 10.47 31.66
N ASP A 16 15.85 10.84 32.11
CA ASP A 16 15.41 10.53 33.46
C ASP A 16 14.09 9.74 33.50
N ASP A 17 13.90 9.03 34.60
CA ASP A 17 12.75 8.17 34.84
C ASP A 17 11.98 8.69 36.05
N SER A 18 12.71 9.23 37.03
CA SER A 18 12.17 9.53 38.36
C SER A 18 10.90 10.39 38.39
N ASP A 19 10.76 11.31 37.44
CA ASP A 19 9.61 12.20 37.46
C ASP A 19 8.45 11.70 36.60
N GLY A 20 8.57 10.47 36.11
CA GLY A 20 7.50 9.86 35.35
C GLY A 20 7.88 9.50 33.93
N LEU A 21 6.87 9.13 33.14
CA LEU A 21 7.11 8.71 31.77
C LEU A 21 6.28 9.52 30.79
N GLY A 22 6.60 9.41 29.50
CA GLY A 22 5.81 10.05 28.47
C GLY A 22 4.64 9.17 28.09
N ARG A 23 4.27 9.22 26.82
CA ARG A 23 3.12 8.44 26.35
C ARG A 23 3.50 7.02 25.99
N GLU A 24 2.52 6.12 26.08
CA GLU A 24 2.71 4.73 25.70
C GLU A 24 3.00 4.64 24.20
N PHE A 25 4.04 3.88 23.84
CA PHE A 25 4.40 3.67 22.45
C PHE A 25 3.48 2.63 21.83
N ASP A 26 2.96 2.92 20.65
CA ASP A 26 1.93 2.07 20.05
C ASP A 26 2.44 1.22 18.90
N GLY A 27 3.58 1.58 18.32
CA GLY A 27 4.20 0.77 17.29
C GLY A 27 4.46 1.46 15.97
N ILE A 28 5.30 0.84 15.15
CA ILE A 28 5.56 1.32 13.80
C ILE A 28 4.98 0.33 12.78
N GLY A 29 4.37 0.84 11.73
CA GLY A 29 3.76 -0.02 10.74
C GLY A 29 3.84 0.47 9.31
N ALA A 30 3.11 -0.22 8.44
CA ALA A 30 3.09 0.12 7.01
C ALA A 30 1.76 -0.26 6.38
N VAL A 31 1.46 0.34 5.24
CA VAL A 31 0.18 0.13 4.57
C VAL A 31 0.31 -0.76 3.33
N SER A 32 -0.46 -1.83 3.30
CA SER A 32 -0.66 -2.57 2.08
C SER A 32 -2.03 -2.22 1.51
N GLY A 33 -2.04 -1.53 0.38
CA GLY A 33 -3.29 -1.10 -0.21
C GLY A 33 -3.31 0.39 -0.50
N GLY A 34 -4.45 0.84 -1.04
CA GLY A 34 -4.57 2.18 -1.57
C GLY A 34 -3.45 2.57 -2.51
N GLY A 35 -3.32 1.88 -3.64
CA GLY A 35 -4.18 0.78 -4.02
C GLY A 35 -3.43 -0.25 -4.82
N ALA A 36 -3.59 -1.52 -4.48
CA ALA A 36 -2.93 -2.63 -5.17
C ALA A 36 -1.41 -2.52 -5.11
N THR A 37 -0.89 -2.09 -3.96
CA THR A 37 0.55 -1.89 -3.80
C THR A 37 1.29 -3.21 -3.65
N SER A 38 0.59 -4.25 -3.20
CA SER A 38 1.21 -5.56 -3.03
C SER A 38 0.86 -6.50 -4.19
N ARG A 39 0.45 -5.93 -5.31
CA ARG A 39 -0.08 -6.69 -6.44
C ARG A 39 0.90 -7.71 -7.04
N LEU A 40 2.15 -7.29 -7.21
CA LEU A 40 3.13 -8.13 -7.92
C LEU A 40 3.95 -9.01 -6.99
N LEU A 41 3.62 -9.01 -5.70
CA LEU A 41 4.34 -9.81 -4.73
C LEU A 41 3.86 -11.27 -4.71
N VAL A 42 2.57 -11.45 -4.96
CA VAL A 42 1.92 -12.75 -4.75
C VAL A 42 2.44 -13.87 -5.66
N ASN A 43 2.92 -13.52 -6.85
CA ASN A 43 3.41 -14.53 -7.77
C ASN A 43 4.93 -14.57 -7.84
N TYR A 44 5.59 -14.10 -6.79
CA TYR A 44 7.02 -14.31 -6.65
C TYR A 44 7.28 -15.78 -6.39
N PRO A 45 8.25 -16.37 -7.11
CA PRO A 45 8.62 -17.76 -6.84
C PRO A 45 9.24 -17.89 -5.46
N GLU A 46 9.27 -19.10 -4.92
CA GLU A 46 10.00 -19.33 -3.69
C GLU A 46 11.47 -19.55 -4.05
N PRO A 47 12.39 -19.26 -3.12
CA PRO A 47 12.17 -18.81 -1.74
C PRO A 47 12.02 -17.29 -1.61
N TYR A 48 12.17 -16.58 -2.72
CA TYR A 48 12.23 -15.12 -2.72
C TYR A 48 11.02 -14.46 -2.06
N ARG A 49 9.82 -14.97 -2.36
CA ARG A 49 8.61 -14.41 -1.80
C ARG A 49 8.61 -14.51 -0.28
N SER A 50 9.09 -15.64 0.23
CA SER A 50 9.16 -15.88 1.65
C SER A 50 10.25 -15.02 2.31
N GLU A 51 11.32 -14.76 1.56
CA GLU A 51 12.42 -13.95 2.06
C GLU A 51 12.01 -12.49 2.21
N ILE A 52 11.30 -11.99 1.20
CA ILE A 52 10.76 -10.63 1.23
C ILE A 52 9.87 -10.42 2.45
N LEU A 53 9.02 -11.40 2.72
CA LEU A 53 8.12 -11.33 3.86
C LEU A 53 8.85 -11.35 5.20
N ASP A 54 10.04 -11.96 5.22
CA ASP A 54 10.85 -12.00 6.42
C ASP A 54 11.49 -10.64 6.71
N TYR A 55 11.99 -10.01 5.65
CA TYR A 55 12.56 -8.68 5.75
C TYR A 55 11.55 -7.68 6.30
N LEU A 56 10.28 -7.94 6.03
CA LEU A 56 9.20 -7.05 6.45
C LEU A 56 8.67 -7.38 7.86
N PHE A 57 8.46 -8.66 8.14
CA PHE A 57 7.69 -9.04 9.31
C PHE A 57 8.40 -9.92 10.34
N LYS A 58 9.48 -10.57 9.94
CA LYS A 58 10.18 -11.43 10.89
C LYS A 58 10.86 -10.60 11.97
N PRO A 59 10.56 -10.91 13.24
CA PRO A 59 11.16 -10.24 14.39
C PRO A 59 12.67 -10.39 14.41
N ASN A 60 13.38 -9.33 14.82
CA ASN A 60 14.83 -9.36 14.95
C ASN A 60 15.53 -9.79 13.67
N PHE A 61 15.05 -9.28 12.54
CA PHE A 61 15.60 -9.66 11.24
C PHE A 61 15.70 -8.45 10.32
N GLY A 62 14.56 -7.97 9.85
CA GLY A 62 14.53 -6.82 8.95
C GLY A 62 13.75 -5.66 9.54
N ALA A 63 12.72 -5.21 8.83
CA ALA A 63 11.91 -4.09 9.27
C ALA A 63 11.15 -4.42 10.55
N SER A 64 10.91 -5.71 10.77
CA SER A 64 10.29 -6.21 12.01
C SER A 64 9.07 -5.39 12.45
N LEU A 65 8.15 -5.17 11.52
CA LEU A 65 7.04 -4.24 11.73
C LEU A 65 6.08 -4.67 12.83
N HIS A 66 5.64 -3.69 13.62
CA HIS A 66 4.71 -3.93 14.73
C HIS A 66 3.27 -3.91 14.24
N ILE A 67 3.05 -3.25 13.11
CA ILE A 67 1.69 -2.98 12.63
C ILE A 67 1.58 -3.23 11.14
N LEU A 68 0.52 -3.93 10.74
CA LEU A 68 0.19 -4.04 9.33
C LEU A 68 -1.21 -3.49 9.08
N LYS A 69 -1.28 -2.45 8.25
CA LYS A 69 -2.54 -1.83 7.88
C LYS A 69 -2.89 -2.19 6.43
N VAL A 70 -4.10 -2.66 6.21
CA VAL A 70 -4.50 -3.04 4.86
C VAL A 70 -5.78 -2.36 4.41
N GLU A 71 -5.88 -2.15 3.10
CA GLU A 71 -7.12 -1.65 2.51
C GLU A 71 -8.21 -2.71 2.57
N ILE A 72 -9.42 -2.28 2.88
CA ILE A 72 -10.58 -3.13 2.66
C ILE A 72 -11.11 -2.81 1.26
N GLY A 73 -10.75 -3.67 0.31
CA GLY A 73 -11.08 -3.46 -1.09
C GLY A 73 -12.55 -3.20 -1.33
N GLY A 74 -12.84 -2.21 -2.18
CA GLY A 74 -14.20 -1.84 -2.49
C GLY A 74 -14.45 -1.83 -4.00
N ASP A 75 -13.58 -2.52 -4.72
CA ASP A 75 -13.65 -2.70 -6.18
C ASP A 75 -13.32 -1.43 -6.96
N GLY A 76 -12.97 -0.36 -6.27
CA GLY A 76 -12.63 0.89 -6.95
C GLY A 76 -11.13 1.11 -7.10
N GLN A 77 -10.75 1.99 -8.03
CA GLN A 77 -9.36 2.40 -8.18
C GLN A 77 -8.93 3.21 -6.96
N THR A 78 -7.79 2.86 -6.38
CA THR A 78 -7.42 3.47 -5.10
C THR A 78 -5.96 3.90 -4.99
N THR A 79 -5.24 3.93 -6.13
CA THR A 79 -4.01 4.71 -6.40
C THR A 79 -3.11 4.02 -7.44
N ASP A 80 -2.90 2.72 -7.30
CA ASP A 80 -2.11 1.97 -8.27
C ASP A 80 -2.87 0.76 -8.78
N GLY A 81 -4.18 0.79 -8.62
CA GLY A 81 -5.02 -0.30 -9.07
C GLY A 81 -6.27 -0.43 -8.24
N THR A 82 -7.11 -1.39 -8.59
CA THR A 82 -8.30 -1.70 -7.82
C THR A 82 -8.00 -2.89 -6.92
N GLU A 83 -8.78 -3.05 -5.87
CA GLU A 83 -8.68 -4.24 -5.03
C GLU A 83 -10.07 -4.80 -4.81
N PRO A 84 -10.20 -6.13 -4.88
CA PRO A 84 -11.50 -6.81 -4.85
C PRO A 84 -12.22 -6.68 -3.51
N SER A 85 -13.53 -6.44 -3.57
CA SER A 85 -14.35 -6.43 -2.38
C SER A 85 -14.81 -7.84 -2.01
N HIS A 86 -15.24 -8.01 -0.77
CA HIS A 86 -15.80 -9.29 -0.33
C HIS A 86 -17.29 -9.36 -0.69
N MET A 87 -17.84 -8.24 -1.16
CA MET A 87 -19.24 -8.18 -1.58
C MET A 87 -19.39 -7.39 -2.87
N HIS A 88 -19.12 -8.03 -4.00
CA HIS A 88 -19.25 -7.39 -5.32
C HIS A 88 -20.67 -6.90 -5.55
N TYR A 89 -21.63 -7.71 -5.13
CA TYR A 89 -23.04 -7.40 -5.32
C TYR A 89 -23.77 -7.65 -4.01
N GLU A 90 -25.02 -7.20 -3.94
CA GLU A 90 -25.86 -7.55 -2.82
C GLU A 90 -26.01 -9.07 -2.76
N LEU A 91 -26.01 -9.61 -1.55
CA LEU A 91 -26.13 -11.05 -1.28
C LEU A 91 -24.88 -11.85 -1.69
N ASP A 92 -23.80 -11.17 -2.04
CA ASP A 92 -22.57 -11.86 -2.39
C ASP A 92 -21.57 -11.75 -1.26
N GLU A 93 -21.00 -12.89 -0.88
CA GLU A 93 -19.97 -12.90 0.15
C GLU A 93 -18.87 -13.88 -0.21
N ASN A 94 -17.65 -13.36 -0.31
CA ASN A 94 -16.48 -14.16 -0.63
C ASN A 94 -15.27 -13.60 0.10
N TYR A 95 -14.69 -14.40 0.99
CA TYR A 95 -13.59 -13.93 1.81
C TYR A 95 -12.26 -14.52 1.36
N PHE A 96 -12.14 -14.78 0.08
CA PHE A 96 -10.94 -15.37 -0.48
C PHE A 96 -10.47 -14.66 -1.75
N ARG A 97 -10.96 -13.44 -1.96
CA ARG A 97 -10.52 -12.62 -3.09
C ARG A 97 -9.31 -11.79 -2.69
N GLY A 98 -8.50 -11.44 -3.68
CA GLY A 98 -7.36 -10.56 -3.46
C GLY A 98 -6.22 -11.21 -2.71
N TYR A 99 -5.42 -10.40 -2.02
CA TYR A 99 -4.20 -10.90 -1.40
C TYR A 99 -3.97 -10.35 0.00
N GLU A 100 -4.86 -9.50 0.49
CA GLU A 100 -4.67 -8.91 1.81
C GLU A 100 -4.90 -9.95 2.92
N TRP A 101 -5.80 -10.89 2.69
CA TRP A 101 -6.00 -12.00 3.63
C TRP A 101 -4.71 -12.77 3.79
N TRP A 102 -4.12 -13.12 2.65
CA TRP A 102 -2.89 -13.90 2.60
C TRP A 102 -1.74 -13.16 3.26
N LEU A 103 -1.62 -11.88 2.94
CA LEU A 103 -0.55 -11.04 3.50
C LEU A 103 -0.65 -10.96 5.02
N MET A 104 -1.85 -10.78 5.53
CA MET A 104 -2.08 -10.73 6.97
C MET A 104 -1.71 -12.05 7.65
N LYS A 105 -2.03 -13.16 7.00
CA LYS A 105 -1.70 -14.48 7.54
C LYS A 105 -0.19 -14.71 7.56
N GLU A 106 0.48 -14.27 6.50
CA GLU A 106 1.92 -14.39 6.41
C GLU A 106 2.60 -13.57 7.50
N ALA A 107 2.06 -12.38 7.76
CA ALA A 107 2.60 -11.51 8.80
C ALA A 107 2.39 -12.11 10.18
N LYS A 108 1.21 -12.67 10.41
CA LYS A 108 0.87 -13.23 11.72
C LYS A 108 1.71 -14.50 12.01
N LYS A 109 2.08 -15.22 10.96
CA LYS A 109 2.90 -16.42 11.13
C LYS A 109 4.30 -16.04 11.59
N ARG A 110 4.82 -14.94 11.07
CA ARG A 110 6.16 -14.48 11.43
C ARG A 110 6.13 -13.74 12.75
N ASN A 111 5.08 -12.97 12.98
CA ASN A 111 4.91 -12.23 14.23
C ASN A 111 3.47 -12.30 14.71
N PRO A 112 3.20 -13.21 15.66
CA PRO A 112 1.86 -13.43 16.21
C PRO A 112 1.33 -12.22 16.97
N ASP A 113 2.22 -11.32 17.38
CA ASP A 113 1.83 -10.16 18.15
C ASP A 113 1.61 -8.93 17.27
N ILE A 114 1.75 -9.09 15.97
CA ILE A 114 1.59 -7.96 15.06
C ILE A 114 0.18 -7.39 15.16
N ILE A 115 0.08 -6.08 14.94
CA ILE A 115 -1.20 -5.38 15.04
C ILE A 115 -1.79 -5.19 13.64
N LEU A 116 -3.07 -5.55 13.50
CA LEU A 116 -3.73 -5.50 12.20
C LEU A 116 -4.82 -4.43 12.13
N MET A 117 -4.81 -3.66 11.04
CA MET A 117 -5.80 -2.61 10.84
C MET A 117 -6.46 -2.72 9.47
N GLY A 118 -7.73 -2.34 9.40
CA GLY A 118 -8.45 -2.29 8.14
C GLY A 118 -9.10 -0.95 7.90
N LEU A 119 -9.06 -0.48 6.65
CA LEU A 119 -9.64 0.80 6.29
C LEU A 119 -10.15 0.79 4.85
N PRO A 120 -11.40 1.22 4.65
CA PRO A 120 -11.93 1.29 3.28
C PRO A 120 -11.51 2.55 2.55
N TRP A 121 -11.13 2.39 1.28
CA TRP A 121 -10.90 3.50 0.37
C TRP A 121 -12.17 3.73 -0.47
N SER A 122 -12.61 2.66 -1.12
CA SER A 122 -13.81 2.71 -1.94
C SER A 122 -14.84 1.71 -1.44
N PHE A 123 -16.05 1.79 -1.98
CA PHE A 123 -17.14 0.89 -1.63
C PHE A 123 -17.82 0.40 -2.89
N PRO A 124 -18.39 -0.82 -2.86
CA PRO A 124 -19.18 -1.29 -4.01
C PRO A 124 -20.38 -0.39 -4.26
N GLY A 125 -20.74 -0.18 -5.52
CA GLY A 125 -21.81 0.73 -5.88
C GLY A 125 -23.15 0.45 -5.23
N TRP A 126 -23.45 -0.83 -5.01
CA TRP A 126 -24.78 -1.22 -4.51
C TRP A 126 -25.02 -0.74 -3.09
N LEU A 127 -23.96 -0.43 -2.36
CA LEU A 127 -24.09 0.12 -1.01
C LEU A 127 -24.71 1.52 -1.01
N GLY A 128 -24.56 2.24 -2.12
CA GLY A 128 -25.05 3.60 -2.21
C GLY A 128 -26.54 3.72 -2.51
N LYS A 129 -27.15 2.61 -2.94
CA LYS A 129 -28.58 2.56 -3.22
C LYS A 129 -29.04 3.64 -4.21
N GLY A 130 -28.27 3.83 -5.28
CA GLY A 130 -28.64 4.82 -6.28
C GLY A 130 -27.69 6.02 -6.31
N PHE A 131 -27.13 6.34 -5.15
CA PHE A 131 -26.19 7.45 -5.06
C PHE A 131 -24.78 6.92 -4.84
N SER A 132 -23.78 7.72 -5.21
CA SER A 132 -22.40 7.34 -4.96
C SER A 132 -21.96 7.87 -3.59
N TRP A 133 -22.62 7.37 -2.54
CA TRP A 133 -22.42 7.89 -1.19
C TRP A 133 -22.66 6.79 -0.17
N PRO A 134 -21.67 6.54 0.70
CA PRO A 134 -21.72 5.42 1.64
C PRO A 134 -22.51 5.73 2.91
N TYR A 135 -23.06 6.92 3.01
CA TYR A 135 -23.77 7.32 4.22
C TYR A 135 -25.27 7.44 3.99
N VAL A 136 -25.74 6.93 2.84
CA VAL A 136 -27.17 6.89 2.56
C VAL A 136 -27.88 5.96 3.55
N ASN A 137 -27.34 4.77 3.72
CA ASN A 137 -27.83 3.83 4.71
C ASN A 137 -26.69 3.45 5.64
N LEU A 138 -26.69 4.02 6.84
CA LEU A 138 -25.59 3.86 7.77
C LEU A 138 -25.44 2.41 8.25
N GLN A 139 -26.58 1.77 8.53
CA GLN A 139 -26.54 0.41 9.04
C GLN A 139 -25.99 -0.54 7.98
N LEU A 140 -26.31 -0.29 6.71
CA LEU A 140 -25.87 -1.13 5.61
C LEU A 140 -24.35 -1.06 5.43
N THR A 141 -23.82 0.15 5.39
CA THR A 141 -22.38 0.34 5.23
C THR A 141 -21.61 -0.26 6.41
N ALA A 142 -22.14 -0.10 7.62
CA ALA A 142 -21.51 -0.69 8.80
C ALA A 142 -21.61 -2.22 8.75
N TYR A 143 -22.73 -2.72 8.24
CA TYR A 143 -22.94 -4.15 8.04
C TYR A 143 -21.88 -4.72 7.12
N TYR A 144 -21.64 -4.03 6.01
CA TYR A 144 -20.61 -4.39 5.04
C TYR A 144 -19.23 -4.47 5.68
N VAL A 145 -18.86 -3.43 6.41
CA VAL A 145 -17.54 -3.33 7.03
C VAL A 145 -17.33 -4.39 8.11
N VAL A 146 -18.37 -4.64 8.90
CA VAL A 146 -18.26 -5.59 10.01
C VAL A 146 -18.14 -7.02 9.52
N ARG A 147 -18.82 -7.32 8.40
CA ARG A 147 -18.70 -8.64 7.78
C ARG A 147 -17.27 -8.96 7.42
N TRP A 148 -16.54 -7.93 7.00
CA TRP A 148 -15.14 -8.10 6.64
C TRP A 148 -14.34 -8.51 7.86
N ILE A 149 -14.65 -7.90 8.99
CA ILE A 149 -13.94 -8.18 10.22
C ILE A 149 -14.29 -9.58 10.73
N LEU A 150 -15.57 -9.93 10.68
CA LEU A 150 -16.02 -11.26 11.06
C LEU A 150 -15.39 -12.34 10.18
N GLY A 151 -15.28 -12.05 8.89
CA GLY A 151 -14.73 -12.99 7.93
C GLY A 151 -13.25 -13.25 8.15
N ALA A 152 -12.53 -12.23 8.58
CA ALA A 152 -11.10 -12.36 8.87
C ALA A 152 -10.88 -13.38 9.99
N LYS A 153 -11.76 -13.34 10.99
CA LYS A 153 -11.67 -14.27 12.11
C LYS A 153 -12.13 -15.67 11.72
N HIS A 154 -13.23 -15.75 10.99
CA HIS A 154 -13.87 -17.03 10.72
C HIS A 154 -13.17 -17.84 9.63
N TYR A 155 -12.60 -17.16 8.65
CA TYR A 155 -12.00 -17.87 7.52
C TYR A 155 -10.47 -17.88 7.55
N HIS A 156 -9.87 -16.98 8.31
CA HIS A 156 -8.42 -16.86 8.31
C HIS A 156 -7.79 -16.83 9.70
N ASP A 157 -8.63 -16.88 10.73
CA ASP A 157 -8.19 -16.84 12.12
C ASP A 157 -7.44 -15.54 12.42
N LEU A 158 -7.92 -14.45 11.83
CA LEU A 158 -7.31 -13.13 12.04
C LEU A 158 -8.14 -12.26 12.96
N ASP A 159 -7.48 -11.69 13.98
CA ASP A 159 -8.11 -10.69 14.82
C ASP A 159 -7.75 -9.31 14.32
N ILE A 160 -8.73 -8.58 13.81
CA ILE A 160 -8.49 -7.20 13.40
C ILE A 160 -8.48 -6.32 14.64
N ASP A 161 -7.45 -5.49 14.77
CA ASP A 161 -7.28 -4.69 15.98
C ASP A 161 -7.95 -3.32 15.85
N TYR A 162 -7.81 -2.69 14.69
CA TYR A 162 -8.37 -1.35 14.50
C TYR A 162 -9.15 -1.25 13.21
N ILE A 163 -10.27 -0.51 13.26
CA ILE A 163 -11.07 -0.27 12.07
C ILE A 163 -11.20 1.24 11.83
N GLY A 164 -11.03 1.65 10.57
CA GLY A 164 -11.13 3.05 10.21
C GLY A 164 -12.48 3.39 9.60
N ILE A 165 -12.60 4.61 9.09
CA ILE A 165 -13.87 5.10 8.57
C ILE A 165 -13.90 5.13 7.05
N TRP A 166 -13.34 6.20 6.47
CA TRP A 166 -13.32 6.35 5.01
C TRP A 166 -12.10 7.18 4.61
N ASN A 167 -11.08 6.50 4.08
CA ASN A 167 -9.77 7.09 3.83
C ASN A 167 -9.76 8.44 3.12
N GLU A 168 -9.28 9.46 3.85
CA GLU A 168 -9.13 10.82 3.32
C GLU A 168 -10.43 11.35 2.72
N ARG A 169 -11.54 10.93 3.30
CA ARG A 169 -12.87 11.31 2.83
C ARG A 169 -13.68 11.73 4.05
N PRO A 170 -14.79 12.46 3.84
CA PRO A 170 -15.55 12.93 5.00
C PRO A 170 -16.04 11.79 5.88
N PHE A 171 -16.12 12.04 7.17
CA PHE A 171 -16.72 11.06 8.07
C PHE A 171 -18.14 11.51 8.42
N ASP A 172 -18.92 10.58 8.96
CA ASP A 172 -20.24 10.87 9.44
C ASP A 172 -20.31 10.41 10.89
N ALA A 173 -20.59 11.33 11.80
CA ALA A 173 -20.54 11.03 13.23
C ALA A 173 -21.56 9.95 13.60
N ASN A 174 -22.70 9.96 12.93
CA ASN A 174 -23.72 8.95 13.17
C ASN A 174 -23.27 7.58 12.65
N TYR A 175 -22.49 7.57 11.57
CA TYR A 175 -21.94 6.32 11.05
C TYR A 175 -20.99 5.68 12.06
N ILE A 176 -20.09 6.50 12.61
CA ILE A 176 -19.10 6.00 13.56
C ILE A 176 -19.79 5.39 14.78
N LYS A 177 -20.82 6.06 15.27
CA LYS A 177 -21.61 5.55 16.38
C LYS A 177 -22.31 4.25 16.00
N GLU A 178 -22.83 4.18 14.78
CA GLU A 178 -23.50 2.98 14.30
C GLU A 178 -22.50 1.84 14.13
N LEU A 179 -21.32 2.15 13.59
CA LEU A 179 -20.25 1.18 13.46
C LEU A 179 -19.87 0.57 14.81
N ARG A 180 -19.75 1.40 15.83
CA ARG A 180 -19.45 0.94 17.19
C ARG A 180 -20.56 0.03 17.72
N LYS A 181 -21.81 0.45 17.53
CA LYS A 181 -22.96 -0.32 17.98
C LYS A 181 -23.02 -1.68 17.27
N MET A 182 -22.69 -1.68 15.98
CA MET A 182 -22.71 -2.88 15.17
C MET A 182 -21.59 -3.84 15.56
N LEU A 183 -20.40 -3.30 15.82
CA LEU A 183 -19.26 -4.09 16.28
C LEU A 183 -19.56 -4.81 17.59
N ASP A 184 -20.08 -4.06 18.56
CA ASP A 184 -20.44 -4.63 19.85
C ASP A 184 -21.52 -5.70 19.70
N TYR A 185 -22.48 -5.45 18.81
CA TYR A 185 -23.60 -6.36 18.61
C TYR A 185 -23.14 -7.70 18.05
N GLN A 186 -22.07 -7.67 17.27
CA GLN A 186 -21.50 -8.88 16.68
C GLN A 186 -20.41 -9.50 17.55
N GLY A 187 -20.32 -9.06 18.80
CA GLY A 187 -19.33 -9.60 19.72
C GLY A 187 -17.91 -9.13 19.45
N LEU A 188 -17.78 -8.00 18.79
CA LEU A 188 -16.46 -7.44 18.50
C LEU A 188 -16.14 -6.21 19.36
N GLN A 189 -16.45 -6.30 20.65
CA GLN A 189 -16.16 -5.21 21.58
C GLN A 189 -14.68 -4.87 21.64
N ARG A 190 -13.82 -5.84 21.34
CA ARG A 190 -12.38 -5.63 21.48
C ARG A 190 -11.78 -4.87 20.30
N VAL A 191 -12.53 -4.75 19.21
CA VAL A 191 -12.05 -3.98 18.06
C VAL A 191 -12.13 -2.49 18.35
N ARG A 192 -11.05 -1.77 18.08
CA ARG A 192 -11.01 -0.33 18.34
C ARG A 192 -11.23 0.47 17.05
N ILE A 193 -11.74 1.69 17.21
CA ILE A 193 -12.03 2.57 16.08
C ILE A 193 -11.05 3.73 15.98
N ILE A 194 -10.52 3.94 14.78
CA ILE A 194 -9.63 5.07 14.52
C ILE A 194 -10.27 6.01 13.49
N ALA A 195 -10.18 7.31 13.74
CA ALA A 195 -10.79 8.30 12.87
C ALA A 195 -9.89 9.53 12.73
N SER A 196 -9.97 10.23 11.60
CA SER A 196 -10.81 9.86 10.47
C SER A 196 -9.95 9.65 9.22
N ASP A 197 -8.67 9.36 9.45
CA ASP A 197 -7.69 9.15 8.40
C ASP A 197 -7.72 10.25 7.35
N ASN A 198 -7.69 11.49 7.83
CA ASN A 198 -7.71 12.66 6.98
C ASN A 198 -6.86 13.73 7.65
N LEU A 199 -7.43 14.90 7.91
CA LEU A 199 -6.74 15.95 8.65
C LEU A 199 -7.11 15.86 10.12
N TRP A 200 -6.43 16.65 10.95
CA TRP A 200 -6.74 16.71 12.38
C TRP A 200 -8.16 17.22 12.61
N GLU A 201 -8.63 18.08 11.71
CA GLU A 201 -9.99 18.60 11.78
C GLU A 201 -10.77 18.11 10.56
N PRO A 202 -12.10 17.96 10.71
CA PRO A 202 -12.89 18.33 11.89
C PRO A 202 -13.04 17.25 12.97
N ILE A 203 -12.29 16.16 12.90
CA ILE A 203 -12.50 15.07 13.86
C ILE A 203 -12.13 15.47 15.30
N SER A 204 -11.08 16.26 15.46
CA SER A 204 -10.62 16.63 16.80
C SER A 204 -11.62 17.52 17.54
N SER A 205 -12.14 18.54 16.88
CA SER A 205 -13.13 19.41 17.50
C SER A 205 -14.44 18.69 17.74
N SER A 206 -14.80 17.78 16.83
CA SER A 206 -16.03 16.99 16.97
C SER A 206 -16.02 16.14 18.23
N LEU A 207 -14.85 15.64 18.61
CA LEU A 207 -14.71 14.85 19.82
C LEU A 207 -14.89 15.70 21.09
N LEU A 208 -14.52 16.97 21.02
CA LEU A 208 -14.63 17.87 22.17
C LEU A 208 -16.07 18.32 22.37
N LEU A 209 -16.81 18.41 21.28
CA LEU A 209 -18.17 18.92 21.31
C LEU A 209 -19.19 17.83 21.59
N ASP A 210 -18.81 16.59 21.33
CA ASP A 210 -19.74 15.47 21.39
C ASP A 210 -19.21 14.35 22.29
N GLN A 211 -19.83 14.20 23.45
CA GLN A 211 -19.42 13.19 24.43
C GLN A 211 -19.60 11.77 23.90
N GLU A 212 -20.69 11.53 23.17
CA GLU A 212 -20.98 10.19 22.68
C GLU A 212 -20.04 9.78 21.55
N LEU A 213 -19.59 10.75 20.76
CA LEU A 213 -18.60 10.49 19.72
C LEU A 213 -17.23 10.25 20.34
N TRP A 214 -16.92 10.99 21.40
CA TRP A 214 -15.65 10.85 22.11
C TRP A 214 -15.50 9.43 22.66
N LYS A 215 -16.59 8.87 23.17
CA LYS A 215 -16.55 7.54 23.78
C LYS A 215 -16.31 6.40 22.79
N VAL A 216 -16.70 6.59 21.53
CA VAL A 216 -16.62 5.50 20.56
C VAL A 216 -15.36 5.54 19.71
N VAL A 217 -14.64 6.66 19.74
CA VAL A 217 -13.40 6.78 18.99
C VAL A 217 -12.20 6.54 19.91
N ASP A 218 -11.35 5.59 19.55
CA ASP A 218 -10.23 5.23 20.42
C ASP A 218 -8.93 5.94 20.03
N VAL A 219 -8.75 6.16 18.73
CA VAL A 219 -7.52 6.77 18.23
C VAL A 219 -7.82 7.84 17.18
N ILE A 220 -7.10 8.96 17.26
CA ILE A 220 -7.15 9.96 16.20
C ILE A 220 -5.98 9.76 15.25
N GLY A 221 -6.28 9.33 14.04
CA GLY A 221 -5.26 9.12 13.04
C GLY A 221 -5.30 10.19 11.96
N ALA A 222 -4.20 10.90 11.79
CA ALA A 222 -4.10 11.95 10.80
C ALA A 222 -3.09 11.58 9.72
N HIS A 223 -3.26 12.15 8.53
CA HIS A 223 -2.37 11.84 7.41
C HIS A 223 -1.39 12.95 7.09
N TYR A 224 -0.12 12.56 6.95
CA TYR A 224 0.98 13.47 6.59
C TYR A 224 0.98 14.77 7.38
N PRO A 225 1.11 14.65 8.72
CA PRO A 225 0.96 15.81 9.61
C PRO A 225 2.20 16.70 9.68
N GLY A 226 3.28 16.33 9.02
CA GLY A 226 4.51 17.10 9.07
C GLY A 226 5.08 17.16 10.48
N THR A 227 4.91 16.06 11.21
CA THR A 227 5.41 15.86 12.57
C THR A 227 4.69 16.69 13.64
N TYR A 228 3.72 17.50 13.23
CA TYR A 228 2.97 18.30 14.20
C TYR A 228 1.51 17.86 14.32
N THR A 229 0.89 18.17 15.45
CA THR A 229 -0.54 17.95 15.66
C THR A 229 -1.23 19.30 15.88
N VAL A 230 -2.41 19.31 16.47
CA VAL A 230 -3.09 20.56 16.79
C VAL A 230 -3.62 20.51 18.21
N TRP A 231 -4.05 21.66 18.73
CA TRP A 231 -4.39 21.79 20.15
C TRP A 231 -5.60 20.95 20.57
N ASN A 232 -6.66 20.97 19.76
CA ASN A 232 -7.85 20.17 20.06
C ASN A 232 -7.55 18.67 20.17
N ALA A 233 -6.62 18.19 19.35
CA ALA A 233 -6.21 16.79 19.41
C ALA A 233 -5.53 16.46 20.74
N LYS A 234 -4.66 17.35 21.19
CA LYS A 234 -4.02 17.20 22.50
C LYS A 234 -5.06 17.21 23.61
N MET A 235 -6.04 18.09 23.50
CA MET A 235 -7.09 18.24 24.51
C MET A 235 -7.96 17.00 24.63
N SER A 236 -8.13 16.28 23.52
CA SER A 236 -9.00 15.11 23.48
C SER A 236 -8.54 14.04 24.46
N GLY A 237 -7.24 13.97 24.67
CA GLY A 237 -6.67 12.93 25.53
C GLY A 237 -6.59 11.59 24.82
N LYS A 238 -6.92 11.57 23.53
CA LYS A 238 -6.84 10.36 22.74
C LYS A 238 -5.43 10.08 22.26
N LYS A 239 -5.13 8.81 22.00
CA LYS A 239 -3.91 8.45 21.29
C LYS A 239 -3.91 9.13 19.92
N LEU A 240 -2.76 9.65 19.53
CA LEU A 240 -2.63 10.31 18.24
C LEU A 240 -1.63 9.56 17.38
N TRP A 241 -2.05 9.19 16.18
CA TRP A 241 -1.18 8.45 15.26
C TRP A 241 -1.01 9.20 13.95
N SER A 242 0.17 9.09 13.37
CA SER A 242 0.35 9.43 11.97
C SER A 242 -0.04 8.18 11.17
N SER A 243 -1.34 8.02 10.93
CA SER A 243 -1.88 6.77 10.38
C SER A 243 -1.55 6.59 8.89
N GLU A 244 -0.99 7.62 8.26
CA GLU A 244 -0.35 7.45 6.96
C GLU A 244 0.68 8.55 6.73
N ASP A 245 1.91 8.14 6.41
CA ASP A 245 3.02 9.05 6.19
C ASP A 245 3.95 8.50 5.11
N PHE A 246 5.15 9.05 5.02
CA PHE A 246 6.20 8.59 4.09
C PHE A 246 5.84 8.87 2.63
N SER A 247 5.43 7.84 1.90
CA SER A 247 5.04 7.97 0.49
C SER A 247 6.12 8.59 -0.38
N THR A 248 7.38 8.32 -0.06
CA THR A 248 8.49 8.87 -0.80
C THR A 248 9.33 7.75 -1.40
N ILE A 249 9.91 8.00 -2.58
CA ILE A 249 10.77 7.05 -3.26
C ILE A 249 11.86 6.54 -2.33
N ASN A 250 12.00 5.21 -2.25
CA ASN A 250 12.84 4.60 -1.23
C ASN A 250 14.35 4.63 -1.53
N SER A 251 14.82 5.77 -2.01
CA SER A 251 16.25 6.03 -2.10
C SER A 251 16.76 6.43 -0.71
N ASN A 252 18.00 6.90 -0.64
CA ASN A 252 18.55 7.36 0.64
C ASN A 252 17.75 8.53 1.18
N VAL A 253 17.29 9.39 0.28
CA VAL A 253 16.49 10.55 0.63
C VAL A 253 15.20 10.15 1.37
N GLY A 254 14.46 9.22 0.78
CA GLY A 254 13.24 8.73 1.39
C GLY A 254 13.52 8.05 2.72
N ALA A 255 14.66 7.40 2.81
CA ALA A 255 15.07 6.75 4.05
C ALA A 255 15.37 7.80 5.13
N GLY A 256 15.93 8.93 4.71
CA GLY A 256 16.22 10.02 5.62
C GLY A 256 14.94 10.66 6.10
N CYS A 257 14.00 10.85 5.19
CA CYS A 257 12.66 11.34 5.51
C CYS A 257 12.00 10.46 6.55
N TRP A 258 12.06 9.16 6.32
CA TRP A 258 11.44 8.17 7.19
C TRP A 258 12.12 8.16 8.56
N SER A 259 13.44 8.31 8.56
CA SER A 259 14.21 8.35 9.80
C SER A 259 13.85 9.54 10.68
N ARG A 260 13.77 10.71 10.08
CA ARG A 260 13.50 11.94 10.81
C ARG A 260 12.10 11.97 11.42
N ILE A 261 11.09 11.53 10.66
CA ILE A 261 9.72 11.63 11.12
C ILE A 261 9.37 10.56 12.15
N LEU A 262 10.06 9.42 12.10
CA LEU A 262 9.85 8.38 13.11
C LEU A 262 10.16 8.90 14.50
N ASN A 263 11.22 9.70 14.61
CA ASN A 263 11.57 10.36 15.87
C ASN A 263 10.66 11.54 16.16
N GLN A 264 10.57 12.48 15.21
CA GLN A 264 9.98 13.77 15.48
C GLN A 264 8.46 13.83 15.44
N ASN A 265 7.80 12.76 14.99
CA ASN A 265 6.35 12.69 15.07
C ASN A 265 5.90 12.68 16.51
N TYR A 266 6.68 12.04 17.38
CA TYR A 266 6.36 12.04 18.80
C TYR A 266 6.86 13.29 19.50
N ILE A 267 8.10 13.68 19.19
CA ILE A 267 8.72 14.83 19.84
C ILE A 267 7.94 16.10 19.54
N ASN A 268 7.58 16.30 18.28
CA ASN A 268 6.90 17.52 17.86
C ASN A 268 5.38 17.43 17.94
N GLY A 269 4.84 16.22 17.80
CA GLY A 269 3.40 16.07 17.69
C GLY A 269 2.69 15.09 18.61
N ASN A 270 3.43 14.53 19.57
CA ASN A 270 2.89 13.56 20.52
C ASN A 270 2.29 12.31 19.87
N MET A 271 2.66 12.06 18.62
CA MET A 271 2.17 10.89 17.91
C MET A 271 2.94 9.63 18.31
N THR A 272 2.21 8.66 18.84
CA THR A 272 2.83 7.47 19.41
C THR A 272 2.84 6.29 18.43
N SER A 273 2.52 6.58 17.17
CA SER A 273 2.62 5.57 16.12
C SER A 273 2.76 6.25 14.77
N THR A 274 3.50 5.62 13.87
CA THR A 274 3.61 6.12 12.51
C THR A 274 3.53 4.97 11.52
N ILE A 275 2.71 5.12 10.49
CA ILE A 275 2.46 4.07 9.53
C ILE A 275 2.77 4.56 8.12
N ALA A 276 3.69 3.87 7.45
CA ALA A 276 4.14 4.30 6.13
C ALA A 276 3.27 3.76 5.00
N TRP A 277 3.03 4.61 4.01
CA TRP A 277 2.52 4.16 2.73
C TRP A 277 3.70 4.17 1.76
N ASN A 278 4.09 3.02 1.23
CA ASN A 278 3.42 1.75 1.47
C ASN A 278 4.38 0.68 1.99
N LEU A 279 3.84 -0.52 2.24
CA LEU A 279 4.62 -1.63 2.81
C LEU A 279 5.76 -2.09 1.91
N VAL A 280 5.45 -2.33 0.65
CA VAL A 280 6.44 -2.80 -0.33
C VAL A 280 6.00 -2.36 -1.72
N ALA A 281 6.94 -1.92 -2.53
CA ALA A 281 6.62 -1.49 -3.88
C ALA A 281 6.49 -2.70 -4.82
N SER A 282 5.33 -3.34 -4.79
CA SER A 282 5.04 -4.46 -5.67
C SER A 282 3.98 -4.07 -6.69
N TYR A 283 4.25 -2.99 -7.41
CA TYR A 283 3.40 -2.50 -8.48
C TYR A 283 4.30 -1.86 -9.52
N TYR A 284 3.83 -1.77 -10.76
CA TYR A 284 4.67 -1.23 -11.83
C TYR A 284 5.14 0.17 -11.49
N GLU A 285 6.44 0.41 -11.67
CA GLU A 285 7.06 1.65 -11.22
C GLU A 285 6.49 2.88 -11.94
N GLU A 286 6.00 2.67 -13.17
CA GLU A 286 5.47 3.76 -13.97
C GLU A 286 4.04 4.11 -13.57
N LEU A 287 3.49 3.37 -12.63
CA LEU A 287 2.24 3.74 -11.99
C LEU A 287 2.54 4.86 -10.98
N PRO A 288 1.52 5.64 -10.58
CA PRO A 288 1.73 6.77 -9.66
C PRO A 288 2.52 6.40 -8.40
N TYR A 289 3.42 7.29 -7.99
CA TYR A 289 4.23 7.09 -6.78
C TYR A 289 5.03 5.79 -6.82
N GLY A 290 5.65 5.51 -7.95
CA GLY A 290 6.44 4.31 -8.11
C GLY A 290 7.60 4.22 -7.13
N ARG A 291 7.86 3.01 -6.63
CA ARG A 291 8.95 2.74 -5.70
C ARG A 291 8.85 3.55 -4.41
N SER A 292 7.63 3.73 -3.92
CA SER A 292 7.42 4.44 -2.67
C SER A 292 7.01 3.49 -1.56
N GLY A 293 7.72 2.38 -1.45
CA GLY A 293 7.48 1.42 -0.38
C GLY A 293 8.75 1.25 0.45
N LEU A 294 8.62 0.59 1.60
CA LEU A 294 9.77 0.38 2.48
C LEU A 294 10.88 -0.39 1.76
N MET A 295 10.48 -1.26 0.83
CA MET A 295 11.43 -1.91 -0.06
C MET A 295 10.79 -2.11 -1.42
N THR A 296 11.51 -2.77 -2.32
CA THR A 296 11.06 -2.94 -3.70
C THR A 296 10.97 -4.42 -4.09
N ALA A 297 9.83 -4.79 -4.68
CA ALA A 297 9.62 -6.15 -5.19
C ALA A 297 8.64 -6.10 -6.35
N GLN A 298 9.12 -5.60 -7.48
CA GLN A 298 8.26 -5.33 -8.63
C GLN A 298 8.61 -6.19 -9.85
N GLU A 299 9.23 -7.34 -9.61
CA GLU A 299 9.60 -8.25 -10.69
C GLU A 299 9.41 -9.72 -10.31
N PRO A 300 8.16 -10.19 -10.22
CA PRO A 300 7.92 -11.59 -9.88
C PRO A 300 8.43 -12.56 -10.94
N TRP A 301 8.55 -12.11 -12.18
CA TRP A 301 9.03 -12.98 -13.26
C TRP A 301 10.51 -13.30 -13.12
N SER A 302 11.28 -12.37 -12.57
CA SER A 302 12.72 -12.57 -12.42
C SER A 302 13.10 -12.98 -10.99
N GLY A 303 12.35 -12.48 -10.02
CA GLY A 303 12.62 -12.80 -8.61
C GLY A 303 13.46 -11.73 -7.95
N HIS A 304 13.84 -10.71 -8.72
CA HIS A 304 14.64 -9.61 -8.20
C HIS A 304 13.85 -8.76 -7.21
N TYR A 305 14.44 -8.54 -6.03
CA TYR A 305 13.88 -7.60 -5.07
C TYR A 305 15.00 -6.80 -4.41
N VAL A 306 14.72 -5.55 -4.07
CA VAL A 306 15.72 -4.67 -3.48
C VAL A 306 15.39 -4.33 -2.03
N VAL A 307 16.24 -4.75 -1.11
CA VAL A 307 16.08 -4.39 0.29
C VAL A 307 16.56 -2.95 0.47
N ALA A 308 15.64 -2.00 0.28
CA ALA A 308 15.99 -0.59 0.26
C ALA A 308 16.37 -0.07 1.65
N SER A 309 16.97 1.12 1.66
CA SER A 309 17.40 1.76 2.90
C SER A 309 16.32 1.91 3.99
N PRO A 310 15.06 2.27 3.62
CA PRO A 310 14.04 2.40 4.67
C PRO A 310 13.85 1.16 5.54
N ILE A 311 14.16 -0.02 5.01
CA ILE A 311 14.06 -1.26 5.77
C ILE A 311 14.90 -1.20 7.05
N TRP A 312 16.11 -0.67 6.93
CA TRP A 312 17.03 -0.65 8.06
C TRP A 312 16.81 0.57 8.95
N VAL A 313 16.26 1.63 8.38
CA VAL A 313 15.85 2.78 9.17
C VAL A 313 14.78 2.36 10.16
N SER A 314 13.83 1.55 9.70
CA SER A 314 12.78 1.00 10.54
C SER A 314 13.38 0.15 11.65
N ALA A 315 14.37 -0.67 11.28
CA ALA A 315 15.01 -1.60 12.20
C ALA A 315 15.55 -0.91 13.44
N HIS A 316 16.12 0.29 13.26
CA HIS A 316 16.66 1.07 14.36
C HIS A 316 15.65 1.36 15.45
N THR A 317 14.37 1.30 15.11
CA THR A 317 13.30 1.51 16.08
C THR A 317 12.59 0.21 16.42
N THR A 318 12.13 -0.50 15.39
CA THR A 318 11.30 -1.69 15.57
C THR A 318 11.99 -2.85 16.29
N GLN A 319 13.26 -3.07 15.98
CA GLN A 319 13.98 -4.20 16.57
C GLN A 319 14.28 -4.00 18.04
N PHE A 320 14.14 -2.77 18.53
CA PHE A 320 14.50 -2.47 19.90
C PHE A 320 13.38 -1.79 20.68
N THR A 321 12.18 -1.79 20.09
CA THR A 321 10.98 -1.30 20.77
C THR A 321 9.79 -2.20 20.47
N GLN A 322 8.84 -2.25 21.39
CA GLN A 322 7.61 -3.01 21.19
C GLN A 322 6.41 -2.16 21.63
N PRO A 323 5.26 -2.37 20.98
CA PRO A 323 4.02 -1.77 21.46
C PRO A 323 3.81 -2.08 22.94
N GLY A 324 3.65 -1.05 23.76
CA GLY A 324 3.52 -1.26 25.19
C GLY A 324 4.66 -0.66 25.97
N TRP A 325 5.76 -0.34 25.29
CA TRP A 325 6.82 0.46 25.88
C TRP A 325 6.32 1.87 26.08
N TYR A 326 7.00 2.64 26.93
CA TYR A 326 6.65 4.04 27.14
C TYR A 326 7.79 4.95 26.74
N TYR A 327 7.45 6.07 26.11
CA TYR A 327 8.43 7.12 25.85
C TYR A 327 8.84 7.75 27.18
N LEU A 328 10.08 8.19 27.26
CA LEU A 328 10.52 8.98 28.39
C LEU A 328 10.00 10.40 28.24
N LYS A 329 9.84 11.10 29.36
CA LYS A 329 9.49 12.51 29.30
C LYS A 329 10.63 13.29 28.65
N THR A 330 11.83 12.74 28.77
CA THR A 330 13.03 13.41 28.28
C THR A 330 13.38 13.03 26.84
N VAL A 331 12.71 13.67 25.90
CA VAL A 331 13.06 13.58 24.50
C VAL A 331 13.16 14.99 23.95
N GLY A 332 13.87 15.20 22.85
CA GLY A 332 13.99 16.52 22.28
C GLY A 332 14.88 16.63 21.06
N HIS A 333 15.15 17.87 20.67
CA HIS A 333 16.02 18.15 19.54
C HIS A 333 17.47 18.31 19.98
N LEU A 334 18.40 18.09 19.06
CA LEU A 334 19.81 18.33 19.30
C LEU A 334 20.14 19.79 18.96
N GLU A 335 21.05 20.38 19.72
CA GLU A 335 21.33 21.80 19.61
C GLU A 335 21.84 22.21 18.22
N LYS A 336 22.56 21.31 17.56
CA LYS A 336 23.10 21.60 16.23
C LYS A 336 22.36 20.84 15.13
N GLY A 337 21.12 20.45 15.41
CA GLY A 337 20.31 19.75 14.43
C GLY A 337 20.14 18.28 14.76
N GLY A 338 18.98 17.74 14.44
CA GLY A 338 18.68 16.35 14.74
C GLY A 338 17.91 16.19 16.03
N SER A 339 17.58 14.95 16.38
CA SER A 339 16.73 14.70 17.53
C SER A 339 17.07 13.37 18.21
N TYR A 340 16.45 13.14 19.36
CA TYR A 340 16.64 11.90 20.09
C TYR A 340 15.36 11.51 20.82
N VAL A 341 15.07 10.22 20.85
CA VAL A 341 13.99 9.70 21.67
C VAL A 341 14.53 8.57 22.55
N ALA A 342 13.82 8.30 23.64
CA ALA A 342 14.22 7.25 24.56
C ALA A 342 12.99 6.51 25.06
N LEU A 343 13.09 5.20 25.14
CA LEU A 343 11.96 4.38 25.57
C LEU A 343 12.39 3.30 26.55
N THR A 344 11.46 2.91 27.41
CA THR A 344 11.69 1.80 28.34
C THR A 344 10.50 0.85 28.32
N ASP A 345 10.73 -0.38 28.77
CA ASP A 345 9.67 -1.37 28.85
C ASP A 345 9.15 -1.48 30.29
N GLY A 346 9.76 -0.75 31.20
CA GLY A 346 9.41 -0.83 32.60
C GLY A 346 10.00 -2.07 33.23
N LEU A 347 10.99 -2.67 32.56
CA LEU A 347 11.65 -3.86 33.07
C LEU A 347 13.16 -3.67 33.13
N GLY A 348 13.60 -2.42 33.05
CA GLY A 348 15.02 -2.12 33.14
C GLY A 348 15.70 -1.99 31.79
N ASN A 349 14.95 -2.21 30.72
CA ASN A 349 15.49 -2.05 29.38
C ASN A 349 15.34 -0.61 28.90
N LEU A 350 16.30 -0.15 28.12
CA LEU A 350 16.29 1.23 27.64
C LEU A 350 16.80 1.30 26.21
N THR A 351 16.02 1.95 25.35
CA THR A 351 16.41 2.15 23.96
C THR A 351 16.49 3.64 23.67
N ILE A 352 17.57 4.05 23.02
CA ILE A 352 17.76 5.46 22.65
C ILE A 352 17.99 5.55 21.16
N ILE A 353 17.18 6.36 20.47
CA ILE A 353 17.27 6.48 19.03
C ILE A 353 17.63 7.90 18.62
N ILE A 354 18.76 8.05 17.95
CA ILE A 354 19.28 9.37 17.59
C ILE A 354 19.40 9.52 16.08
N GLU A 355 18.90 10.64 15.57
CA GLU A 355 18.88 10.92 14.14
C GLU A 355 19.46 12.31 13.86
N THR A 356 20.25 12.44 12.80
CA THR A 356 20.80 13.74 12.41
C THR A 356 20.59 14.04 10.93
N MET A 357 19.40 13.74 10.44
CA MET A 357 19.11 13.88 9.00
C MET A 357 19.17 15.33 8.53
N SER A 358 20.01 15.58 7.54
CA SER A 358 20.12 16.90 6.94
C SER A 358 18.89 17.20 6.11
N HIS A 359 18.69 18.47 5.79
CA HIS A 359 17.53 18.89 5.03
C HIS A 359 17.54 18.32 3.61
N GLN A 360 18.71 18.32 2.99
CA GLN A 360 18.84 17.92 1.59
C GLN A 360 18.68 16.42 1.38
N HIS A 361 18.81 15.65 2.46
CA HIS A 361 18.77 14.19 2.35
C HIS A 361 17.63 13.58 3.17
N SER A 362 16.56 14.32 3.37
CA SER A 362 15.44 13.84 4.15
C SER A 362 14.12 14.48 3.73
N MET A 363 14.09 15.04 2.53
CA MET A 363 12.88 15.70 2.04
C MET A 363 11.76 14.71 1.79
N CYS A 364 10.61 14.96 2.42
CA CYS A 364 9.40 14.20 2.13
C CYS A 364 8.61 14.96 1.06
N ILE A 365 7.70 14.27 0.37
CA ILE A 365 6.89 14.96 -0.62
C ILE A 365 5.76 15.72 0.06
N ARG A 366 5.44 15.36 1.30
CA ARG A 366 4.30 15.97 1.98
C ARG A 366 4.49 16.00 3.51
N PRO A 367 4.84 17.18 4.05
CA PRO A 367 5.11 18.43 3.35
C PRO A 367 6.59 18.64 3.06
N TYR A 368 6.94 19.78 2.49
CA TYR A 368 8.32 20.11 2.20
C TYR A 368 8.84 21.15 3.18
N LEU A 369 9.69 20.72 4.11
CA LEU A 369 10.20 21.60 5.16
C LEU A 369 11.07 22.73 4.65
N PRO A 370 10.85 23.94 5.17
CA PRO A 370 11.80 25.04 4.94
C PRO A 370 13.19 24.64 5.41
N TYR A 371 14.23 25.13 4.76
CA TYR A 371 15.59 24.71 5.07
C TYR A 371 15.94 24.81 6.55
N TYR A 372 16.62 23.79 7.06
CA TYR A 372 17.18 23.84 8.40
C TYR A 372 18.62 23.36 8.36
N ASN A 373 19.47 24.00 9.15
CA ASN A 373 20.87 23.64 9.24
C ASN A 373 21.18 22.39 10.07
N VAL A 374 22.20 21.66 9.63
CA VAL A 374 22.75 20.53 10.38
C VAL A 374 24.28 20.50 10.30
N SER A 375 24.95 20.37 11.44
CA SER A 375 26.40 20.36 11.47
C SER A 375 26.96 19.41 12.53
N HIS A 376 28.27 19.16 12.45
CA HIS A 376 28.96 18.29 13.42
C HIS A 376 28.69 18.73 14.84
N GLN A 377 28.54 17.78 15.74
CA GLN A 377 28.28 18.10 17.13
C GLN A 377 28.63 16.96 18.08
N LEU A 378 28.73 17.29 19.37
CA LEU A 378 28.94 16.31 20.41
C LEU A 378 27.71 16.23 21.29
N ALA A 379 27.30 15.02 21.65
CA ALA A 379 26.14 14.84 22.51
C ALA A 379 26.52 14.06 23.77
N THR A 380 26.26 14.64 24.92
CA THR A 380 26.51 13.95 26.19
C THR A 380 25.19 13.56 26.83
N PHE A 381 25.04 12.28 27.13
CA PHE A 381 23.81 11.79 27.75
C PHE A 381 24.07 11.30 29.17
N THR A 382 23.16 11.64 30.07
CA THR A 382 23.29 11.22 31.46
C THR A 382 22.01 10.52 31.93
N LEU A 383 22.18 9.29 32.41
CA LEU A 383 21.04 8.48 32.84
C LEU A 383 20.71 8.71 34.32
N LYS A 384 19.74 9.58 34.59
CA LYS A 384 19.29 9.81 35.95
C LYS A 384 18.15 8.85 36.30
N GLY A 385 17.62 8.97 37.50
CA GLY A 385 16.53 8.12 37.96
C GLY A 385 16.93 6.66 38.05
N SER A 386 15.99 5.76 37.78
CA SER A 386 16.25 4.33 37.84
C SER A 386 17.13 3.87 36.68
N LEU A 387 17.32 4.76 35.71
CA LEU A 387 18.22 4.47 34.59
C LEU A 387 19.66 4.47 35.10
N ARG A 388 19.89 5.18 36.20
CA ARG A 388 21.18 5.15 36.88
C ARG A 388 21.47 3.72 37.33
N GLU A 389 22.28 3.07 36.50
CA GLU A 389 22.59 1.65 36.53
C GLU A 389 23.10 1.38 35.14
N ILE A 390 22.61 0.31 34.51
CA ILE A 390 22.88 0.03 33.11
C ILE A 390 24.36 0.18 32.76
N GLN A 391 25.13 -0.86 33.04
CA GLN A 391 26.58 -0.80 32.86
C GLN A 391 27.00 -0.87 31.39
N GLU A 392 26.12 -1.42 30.55
CA GLU A 392 26.45 -1.62 29.14
C GLU A 392 25.27 -1.32 28.21
N LEU A 393 25.61 -0.87 27.01
CA LEU A 393 24.62 -0.59 25.97
C LEU A 393 25.12 -1.09 24.61
N GLN A 394 24.28 -1.82 23.89
CA GLN A 394 24.63 -2.23 22.53
C GLN A 394 24.48 -1.04 21.61
N VAL A 395 25.26 -1.00 20.53
CA VAL A 395 25.25 0.15 19.62
C VAL A 395 25.02 -0.28 18.17
N TRP A 396 24.08 0.40 17.51
CA TRP A 396 23.79 0.13 16.11
C TRP A 396 23.89 1.42 15.31
N TYR A 397 24.47 1.35 14.12
CA TYR A 397 24.82 2.54 13.37
C TYR A 397 24.43 2.46 11.89
N THR A 398 23.97 3.59 11.36
CA THR A 398 23.64 3.68 9.94
C THR A 398 24.07 5.03 9.37
N LYS A 399 24.62 5.00 8.16
CA LYS A 399 25.07 6.21 7.47
C LYS A 399 24.45 6.26 6.07
N LEU A 400 23.64 7.28 5.83
CA LEU A 400 22.93 7.38 4.55
C LEU A 400 23.65 8.30 3.57
N GLY A 401 23.64 7.90 2.29
CA GLY A 401 24.30 8.66 1.26
C GLY A 401 25.60 8.02 0.82
N ARG A 406 27.80 5.05 2.45
CA ARG A 406 26.55 4.33 2.64
C ARG A 406 26.75 3.01 3.36
N LEU A 407 26.51 3.03 4.67
CA LEU A 407 26.65 1.83 5.52
C LEU A 407 25.38 1.65 6.36
N HIS A 408 24.83 0.45 6.35
CA HIS A 408 23.50 0.22 6.92
C HIS A 408 23.46 -0.76 8.09
N PHE A 409 22.80 -0.33 9.17
CA PHE A 409 22.48 -1.14 10.34
C PHE A 409 23.64 -2.03 10.79
N LYS A 410 24.84 -1.48 10.81
CA LYS A 410 26.01 -2.20 11.28
C LYS A 410 26.15 -2.02 12.79
N GLN A 411 26.42 -3.13 13.49
CA GLN A 411 26.55 -3.07 14.94
C GLN A 411 27.97 -2.67 15.34
N LEU A 412 28.07 -1.71 16.26
CA LEU A 412 29.36 -1.27 16.76
C LEU A 412 29.66 -1.90 18.11
N ASP A 413 30.86 -1.64 18.62
CA ASP A 413 31.29 -2.22 19.88
C ASP A 413 30.48 -1.67 21.05
N THR A 414 30.16 -2.56 21.99
CA THR A 414 29.41 -2.20 23.19
C THR A 414 30.06 -1.01 23.92
N LEU A 415 29.23 -0.06 24.34
CA LEU A 415 29.73 1.10 25.06
C LEU A 415 29.47 0.92 26.56
N TRP A 416 30.50 1.18 27.37
CA TRP A 416 30.44 0.86 28.79
C TRP A 416 30.33 2.08 29.68
N LEU A 417 29.59 1.93 30.77
CA LEU A 417 29.36 3.01 31.72
C LEU A 417 29.81 2.60 33.12
N LEU A 418 30.94 1.91 33.19
CA LEU A 418 31.44 1.41 34.47
C LEU A 418 31.97 2.54 35.35
N ASP A 419 32.02 3.74 34.78
CA ASP A 419 32.43 4.94 35.50
C ASP A 419 31.62 5.10 36.78
N GLY A 420 30.30 5.14 36.64
CA GLY A 420 29.42 5.40 37.76
C GLY A 420 28.72 6.73 37.56
N SER A 421 29.23 7.51 36.60
CA SER A 421 28.65 8.80 36.26
C SER A 421 27.32 8.61 35.54
N GLY A 422 27.12 7.43 34.98
CA GLY A 422 25.92 7.16 34.20
C GLY A 422 25.86 8.03 32.98
N SER A 423 27.05 8.36 32.45
CA SER A 423 27.13 9.28 31.33
C SER A 423 28.02 8.75 30.20
N PHE A 424 27.73 9.22 28.99
CA PHE A 424 28.52 8.87 27.82
C PHE A 424 28.40 9.97 26.76
N THR A 425 29.27 9.92 25.76
CA THR A 425 29.34 10.99 24.77
C THR A 425 29.55 10.45 23.35
N LEU A 426 28.86 11.06 22.38
CA LEU A 426 28.95 10.67 20.98
C LEU A 426 29.31 11.86 20.10
N GLU A 427 30.12 11.63 19.07
CA GLU A 427 30.28 12.64 18.03
C GLU A 427 29.35 12.33 16.87
N LEU A 428 28.41 13.24 16.62
CA LEU A 428 27.43 13.03 15.56
C LEU A 428 27.81 13.82 14.31
N GLU A 429 27.34 13.35 13.17
CA GLU A 429 27.56 14.06 11.91
C GLU A 429 26.28 13.97 11.08
N GLU A 430 26.20 14.68 9.97
CA GLU A 430 25.00 14.71 9.14
C GLU A 430 24.54 13.31 8.72
N ASP A 431 23.23 13.13 8.65
CA ASP A 431 22.62 11.94 8.06
C ASP A 431 23.05 10.63 8.72
N GLU A 432 22.92 10.56 10.04
CA GLU A 432 23.31 9.35 10.76
C GLU A 432 22.23 8.89 11.74
N ILE A 433 22.18 7.59 11.98
CA ILE A 433 21.30 7.03 13.00
C ILE A 433 22.09 6.20 13.99
N PHE A 434 21.85 6.42 15.27
CA PHE A 434 22.41 5.59 16.32
C PHE A 434 21.27 5.00 17.13
N THR A 435 21.39 3.72 17.48
CA THR A 435 20.45 3.12 18.41
C THR A 435 21.22 2.51 19.57
N LEU A 436 20.95 3.02 20.77
CA LEU A 436 21.61 2.54 21.96
C LEU A 436 20.60 1.80 22.83
N THR A 437 20.79 0.50 22.98
CA THR A 437 19.82 -0.31 23.69
C THR A 437 20.48 -1.33 24.60
N THR A 438 19.77 -1.72 25.64
CA THR A 438 20.22 -2.77 26.55
C THR A 438 19.92 -4.14 25.95
N LEU A 439 19.00 -4.17 24.98
CA LEU A 439 18.59 -5.42 24.35
C LEU A 439 19.71 -6.02 23.50
N THR A 440 19.81 -7.34 23.52
CA THR A 440 20.90 -8.04 22.87
C THR A 440 20.44 -8.85 21.66
N THR A 441 19.17 -8.68 21.28
CA THR A 441 18.55 -9.51 20.26
C THR A 441 18.65 -8.91 18.85
N GLY A 442 19.30 -7.77 18.73
CA GLY A 442 19.42 -7.10 17.45
C GLY A 442 20.13 -7.95 16.42
N ARG A 443 19.69 -7.85 15.17
CA ARG A 443 20.28 -8.62 14.08
C ARG A 443 19.97 -8.03 12.71
N LYS A 444 21.02 -7.78 11.93
CA LYS A 444 20.82 -7.45 10.53
C LYS A 444 20.59 -8.73 9.75
N GLY A 445 19.32 -9.06 9.52
CA GLY A 445 18.95 -10.24 8.77
C GLY A 445 19.53 -10.21 7.38
N SER A 446 19.77 -11.39 6.81
CA SER A 446 20.40 -11.48 5.51
C SER A 446 20.03 -12.76 4.79
N TYR A 447 19.72 -12.61 3.50
CA TYR A 447 19.59 -13.73 2.59
C TYR A 447 20.54 -13.49 1.43
N PRO A 448 20.92 -14.56 0.72
CA PRO A 448 21.75 -14.35 -0.47
C PRO A 448 21.07 -13.42 -1.46
N PRO A 449 21.86 -12.70 -2.26
CA PRO A 449 21.30 -11.78 -3.25
C PRO A 449 20.34 -12.47 -4.21
N PRO A 450 19.20 -11.82 -4.50
CA PRO A 450 18.21 -12.32 -5.46
C PRO A 450 18.69 -12.11 -6.89
N PRO A 451 18.07 -12.80 -7.87
CA PRO A 451 18.48 -12.66 -9.28
C PRO A 451 18.48 -11.21 -9.76
N SER A 452 19.25 -10.93 -10.82
CA SER A 452 19.37 -9.57 -11.34
C SER A 452 18.08 -9.10 -11.98
N SER A 453 17.96 -7.79 -12.14
CA SER A 453 16.79 -7.21 -12.80
C SER A 453 16.70 -7.64 -14.25
N LYS A 454 15.50 -8.03 -14.66
CA LYS A 454 15.23 -8.37 -16.04
C LYS A 454 13.89 -7.76 -16.42
N PRO A 455 13.78 -7.26 -17.66
CA PRO A 455 12.52 -6.68 -18.13
C PRO A 455 11.41 -7.73 -18.20
N PHE A 456 10.17 -7.29 -18.30
CA PHE A 456 9.06 -8.21 -18.47
C PHE A 456 9.27 -9.02 -19.75
N PRO A 457 9.08 -10.34 -19.68
CA PRO A 457 9.27 -11.27 -20.80
C PRO A 457 8.69 -10.76 -22.12
N THR A 458 9.54 -10.65 -23.14
CA THR A 458 9.15 -10.09 -24.43
C THR A 458 8.14 -10.98 -25.15
N ASN A 459 8.11 -12.24 -24.76
CA ASN A 459 7.07 -13.16 -25.20
C ASN A 459 6.36 -13.74 -23.98
N TYR A 460 5.04 -13.58 -23.94
CA TYR A 460 4.29 -13.93 -22.74
C TYR A 460 2.89 -14.44 -23.08
N LYS A 461 2.46 -15.48 -22.38
CA LYS A 461 1.17 -16.08 -22.64
C LYS A 461 0.49 -16.53 -21.36
N ASP A 462 -0.85 -16.52 -21.37
CA ASP A 462 -1.62 -17.09 -20.28
C ASP A 462 -2.95 -17.62 -20.79
N ASP A 463 -3.18 -18.92 -20.58
CA ASP A 463 -4.41 -19.56 -21.01
C ASP A 463 -5.44 -19.60 -19.88
N PHE A 464 -5.03 -19.09 -18.71
CA PHE A 464 -5.88 -19.04 -17.52
C PHE A 464 -6.42 -20.39 -17.09
N ASN A 465 -5.76 -21.46 -17.52
CA ASN A 465 -6.24 -22.80 -17.20
C ASN A 465 -5.75 -23.29 -15.83
N VAL A 466 -6.39 -22.79 -14.79
CA VAL A 466 -6.13 -23.22 -13.42
C VAL A 466 -7.46 -23.51 -12.74
N GLU A 467 -7.66 -24.73 -12.28
CA GLU A 467 -8.94 -25.10 -11.70
C GLU A 467 -9.02 -24.76 -10.22
N TYR A 468 -7.90 -24.88 -9.53
CA TYR A 468 -7.85 -24.49 -8.13
C TYR A 468 -6.76 -23.45 -7.88
N PRO A 469 -7.00 -22.21 -8.33
CA PRO A 469 -6.01 -21.15 -8.20
C PRO A 469 -5.85 -20.70 -6.75
N LEU A 470 -4.62 -20.39 -6.36
CA LEU A 470 -4.36 -19.92 -5.01
C LEU A 470 -4.90 -18.52 -4.81
N PHE A 471 -4.86 -17.71 -5.86
CA PHE A 471 -5.37 -16.35 -5.81
C PHE A 471 -6.51 -16.18 -6.81
N SER A 472 -7.37 -15.19 -6.57
CA SER A 472 -8.59 -15.00 -7.35
C SER A 472 -8.33 -14.43 -8.74
N GLU A 473 -7.11 -13.97 -9.00
CA GLU A 473 -6.79 -13.39 -10.30
C GLU A 473 -5.47 -13.90 -10.87
N ALA A 474 -5.42 -14.01 -12.19
CA ALA A 474 -4.19 -14.33 -12.91
C ALA A 474 -3.08 -13.35 -12.58
N PRO A 475 -1.83 -13.83 -12.51
CA PRO A 475 -0.65 -13.02 -12.17
C PRO A 475 -0.37 -11.90 -13.16
N ASN A 476 0.28 -10.85 -12.68
CA ASN A 476 0.76 -9.73 -13.49
C ASN A 476 -0.34 -8.86 -14.12
N PHE A 477 -1.58 -9.30 -14.04
CA PHE A 477 -2.69 -8.47 -14.50
C PHE A 477 -3.11 -7.50 -13.39
N ALA A 478 -2.79 -6.22 -13.58
CA ALA A 478 -3.11 -5.21 -12.59
C ALA A 478 -4.32 -4.39 -13.01
N ASP A 479 -5.46 -4.68 -12.41
CA ASP A 479 -6.69 -3.97 -12.71
C ASP A 479 -6.56 -2.49 -12.34
N GLN A 480 -7.00 -1.62 -13.24
CA GLN A 480 -6.92 -0.18 -12.98
C GLN A 480 -8.30 0.45 -12.97
N THR A 481 -9.28 -0.30 -13.45
CA THR A 481 -10.69 0.03 -13.29
C THR A 481 -11.47 -1.26 -13.53
N GLY A 482 -12.40 -1.58 -12.65
CA GLY A 482 -13.10 -2.84 -12.72
C GLY A 482 -12.31 -3.92 -12.00
N VAL A 483 -12.82 -5.16 -12.02
CA VAL A 483 -12.19 -6.27 -11.32
C VAL A 483 -12.19 -7.53 -12.19
N PHE A 484 -11.03 -8.15 -12.34
CA PHE A 484 -10.89 -9.32 -13.20
C PHE A 484 -10.53 -10.56 -12.39
N GLU A 485 -11.26 -11.64 -12.61
CA GLU A 485 -11.09 -12.85 -11.79
C GLU A 485 -11.02 -14.11 -12.64
N TYR A 486 -10.42 -15.15 -12.06
CA TYR A 486 -10.50 -16.48 -12.65
C TYR A 486 -11.96 -16.90 -12.71
N TYR A 487 -12.35 -17.52 -13.82
CA TYR A 487 -13.73 -17.96 -13.97
C TYR A 487 -13.82 -19.33 -14.61
N MET A 488 -14.55 -20.23 -13.96
CA MET A 488 -14.78 -21.57 -14.51
C MET A 488 -16.18 -21.71 -15.07
N ASN A 489 -16.27 -22.00 -16.36
CA ASN A 489 -17.54 -22.31 -16.99
C ASN A 489 -17.55 -23.77 -17.41
N ASN A 490 -18.31 -24.59 -16.69
CA ASN A 490 -18.21 -26.04 -16.82
C ASN A 490 -18.87 -26.64 -18.05
N GLU A 491 -19.90 -25.98 -18.57
CA GLU A 491 -20.60 -26.50 -19.74
C GLU A 491 -19.76 -26.32 -21.01
N ASP A 492 -19.13 -25.17 -21.16
CA ASP A 492 -18.22 -24.95 -22.27
C ASP A 492 -16.94 -25.74 -22.03
N ARG A 493 -16.44 -26.37 -23.09
CA ARG A 493 -15.26 -27.21 -22.98
C ARG A 493 -14.00 -26.49 -23.47
N GLU A 494 -14.13 -25.75 -24.56
CA GLU A 494 -12.99 -25.03 -25.13
C GLU A 494 -12.58 -23.84 -24.28
N HIS A 495 -13.56 -23.26 -23.59
CA HIS A 495 -13.32 -22.11 -22.74
C HIS A 495 -13.85 -22.35 -21.34
N ARG A 496 -13.37 -23.42 -20.71
CA ARG A 496 -13.82 -23.78 -19.37
C ARG A 496 -13.17 -22.89 -18.31
N PHE A 497 -11.96 -22.44 -18.59
CA PHE A 497 -11.23 -21.58 -17.65
C PHE A 497 -10.82 -20.27 -18.31
N THR A 498 -11.46 -19.18 -17.88
CA THR A 498 -11.22 -17.88 -18.48
C THR A 498 -10.95 -16.81 -17.43
N LEU A 499 -10.61 -15.62 -17.89
CA LEU A 499 -10.52 -14.45 -17.03
C LEU A 499 -11.76 -13.59 -17.27
N ARG A 500 -12.42 -13.18 -16.19
CA ARG A 500 -13.70 -12.48 -16.30
C ARG A 500 -13.73 -11.18 -15.49
N GLN A 501 -14.20 -10.11 -16.13
CA GLN A 501 -14.45 -8.86 -15.42
C GLN A 501 -15.81 -8.97 -14.76
N VAL A 502 -15.86 -8.71 -13.45
CA VAL A 502 -17.06 -9.05 -12.69
C VAL A 502 -17.88 -7.88 -12.14
N LEU A 503 -17.45 -6.64 -12.35
CA LEU A 503 -18.25 -5.52 -11.85
C LEU A 503 -19.39 -5.23 -12.83
N ASN A 504 -20.60 -5.05 -12.29
CA ASN A 504 -21.74 -4.71 -13.12
C ASN A 504 -22.28 -3.31 -12.84
N GLN A 505 -21.60 -2.57 -11.96
CA GLN A 505 -21.87 -1.15 -11.79
C GLN A 505 -20.70 -0.42 -11.16
N ARG A 506 -20.62 0.88 -11.43
CA ARG A 506 -19.56 1.73 -10.93
C ARG A 506 -19.55 1.73 -9.41
N PRO A 507 -18.36 1.58 -8.82
CA PRO A 507 -18.23 1.60 -7.35
C PRO A 507 -18.49 3.00 -6.77
N ILE A 508 -18.74 3.07 -5.47
CA ILE A 508 -18.60 4.34 -4.76
C ILE A 508 -17.11 4.65 -4.78
N THR A 509 -16.72 5.52 -5.69
CA THR A 509 -15.31 5.68 -6.03
C THR A 509 -14.53 6.54 -5.02
N TRP A 510 -13.25 6.23 -4.89
CA TRP A 510 -12.32 7.05 -4.15
C TRP A 510 -11.59 7.94 -5.15
N ALA A 511 -11.04 7.30 -6.17
CA ALA A 511 -10.39 8.01 -7.27
C ALA A 511 -11.38 8.31 -8.39
N ALA A 512 -10.87 8.86 -9.47
CA ALA A 512 -11.66 9.05 -10.68
C ALA A 512 -11.49 7.85 -11.61
N ASP A 513 -12.22 6.77 -11.31
CA ASP A 513 -12.15 5.57 -12.14
C ASP A 513 -12.55 5.88 -13.56
N ALA A 514 -11.99 5.14 -14.51
CA ALA A 514 -12.38 5.25 -15.91
C ALA A 514 -13.84 4.86 -16.09
N SER A 515 -14.42 5.23 -17.22
CA SER A 515 -15.78 4.82 -17.52
C SER A 515 -15.78 3.42 -18.11
N SER A 516 -14.60 2.98 -18.53
CA SER A 516 -14.40 1.63 -19.05
C SER A 516 -13.48 0.86 -18.12
N THR A 517 -13.68 -0.45 -18.03
CA THR A 517 -12.80 -1.28 -17.20
C THR A 517 -11.52 -1.58 -17.98
N ILE A 518 -10.45 -1.87 -17.26
CA ILE A 518 -9.15 -2.11 -17.88
C ILE A 518 -8.18 -2.76 -16.90
N SER A 519 -7.36 -3.66 -17.42
CA SER A 519 -6.29 -4.30 -16.65
C SER A 519 -5.01 -4.27 -17.48
N VAL A 520 -3.96 -3.69 -16.92
CA VAL A 520 -2.70 -3.54 -17.65
C VAL A 520 -1.70 -4.61 -17.26
N ILE A 521 -0.78 -4.90 -18.18
CA ILE A 521 0.21 -5.95 -17.96
C ILE A 521 1.43 -5.73 -18.85
N GLY A 522 2.61 -6.10 -18.36
CA GLY A 522 3.81 -6.11 -19.18
C GLY A 522 4.87 -5.10 -18.81
N ASP A 523 5.49 -4.52 -19.83
CA ASP A 523 6.58 -3.57 -19.65
C ASP A 523 6.19 -2.22 -20.24
N HIS A 524 6.21 -1.19 -19.41
CA HIS A 524 5.82 0.16 -19.84
C HIS A 524 6.73 0.71 -20.93
N HIS A 525 7.93 0.13 -21.06
CA HIS A 525 8.88 0.57 -22.07
C HIS A 525 8.55 0.06 -23.47
N TRP A 526 7.67 -0.93 -23.55
CA TRP A 526 7.30 -1.55 -24.82
C TRP A 526 6.82 -0.52 -25.85
N THR A 527 7.39 -0.57 -27.05
CA THR A 527 7.03 0.34 -28.12
C THR A 527 6.30 -0.38 -29.25
N ASN A 528 6.98 -1.37 -29.84
CA ASN A 528 6.39 -2.19 -30.87
C ASN A 528 5.91 -3.51 -30.28
N MET A 529 4.64 -3.80 -30.43
CA MET A 529 4.09 -5.01 -29.83
C MET A 529 2.91 -5.58 -30.59
N THR A 530 2.65 -6.85 -30.34
CA THR A 530 1.50 -7.55 -30.90
C THR A 530 0.73 -8.23 -29.78
N VAL A 531 -0.52 -7.83 -29.60
CA VAL A 531 -1.34 -8.35 -28.51
C VAL A 531 -2.48 -9.19 -29.06
N GLN A 532 -2.67 -10.37 -28.50
CA GLN A 532 -3.75 -11.25 -28.93
C GLN A 532 -4.52 -11.79 -27.73
N CYS A 533 -5.84 -11.87 -27.87
CA CYS A 533 -6.69 -12.42 -26.82
C CYS A 533 -8.04 -12.85 -27.39
N ASP A 534 -8.60 -13.90 -26.81
CA ASP A 534 -9.97 -14.32 -27.14
C ASP A 534 -10.92 -13.58 -26.23
N VAL A 535 -11.93 -12.93 -26.82
CA VAL A 535 -12.87 -12.15 -26.03
C VAL A 535 -14.30 -12.63 -26.19
N TYR A 536 -15.14 -12.27 -25.23
CA TYR A 536 -16.51 -12.78 -25.14
C TYR A 536 -17.41 -11.72 -24.48
N ILE A 537 -18.35 -11.20 -25.26
CA ILE A 537 -19.24 -10.13 -24.78
C ILE A 537 -20.56 -10.70 -24.25
N GLU A 538 -20.83 -10.47 -22.97
CA GLU A 538 -21.98 -11.11 -22.33
C GLU A 538 -23.28 -10.33 -22.46
N THR A 539 -23.19 -9.04 -22.75
CA THR A 539 -24.38 -8.19 -22.82
C THR A 539 -24.85 -7.94 -24.25
N PRO A 540 -26.06 -8.39 -24.59
CA PRO A 540 -26.61 -8.25 -25.94
C PRO A 540 -26.78 -6.79 -26.37
N ARG A 541 -26.52 -6.54 -27.65
CA ARG A 541 -26.72 -5.23 -28.29
C ARG A 541 -25.76 -4.13 -27.83
N SER A 542 -25.64 -3.94 -26.51
CA SER A 542 -24.94 -2.77 -25.98
C SER A 542 -23.51 -3.08 -25.51
N GLY A 543 -23.15 -4.36 -25.44
CA GLY A 543 -21.87 -4.76 -24.90
C GLY A 543 -20.68 -4.46 -25.79
N GLY A 544 -19.50 -4.32 -25.16
CA GLY A 544 -18.28 -4.04 -25.87
C GLY A 544 -17.04 -4.39 -25.08
N VAL A 545 -15.98 -4.75 -25.78
CA VAL A 545 -14.69 -5.09 -25.16
C VAL A 545 -13.55 -4.54 -26.01
N PHE A 546 -12.34 -4.58 -25.47
CA PHE A 546 -11.18 -4.14 -26.24
C PHE A 546 -9.89 -4.84 -25.82
N ILE A 547 -8.88 -4.71 -26.67
CA ILE A 547 -7.49 -4.98 -26.27
C ILE A 547 -6.68 -3.75 -26.65
N ALA A 548 -5.51 -3.59 -26.06
CA ALA A 548 -4.75 -2.36 -26.26
C ALA A 548 -3.26 -2.51 -26.07
N GLY A 549 -2.52 -1.54 -26.59
CA GLY A 549 -1.08 -1.46 -26.39
C GLY A 549 -0.67 0.00 -26.22
N ARG A 550 0.57 0.20 -25.78
CA ARG A 550 1.12 1.53 -25.55
C ARG A 550 0.30 2.34 -24.56
N VAL A 551 -0.29 1.65 -23.58
CA VAL A 551 -1.05 2.32 -22.52
C VAL A 551 -0.09 2.95 -21.51
N ASN A 552 -0.05 4.28 -21.49
CA ASN A 552 1.02 4.99 -20.78
C ASN A 552 0.69 5.44 -19.36
N LYS A 553 -0.58 5.44 -18.99
CA LYS A 553 -0.95 5.87 -17.64
C LYS A 553 -1.92 4.91 -16.99
N GLY A 554 -1.84 4.83 -15.66
CA GLY A 554 -2.74 4.00 -14.88
C GLY A 554 -2.94 4.56 -13.49
N GLY A 555 -3.47 3.74 -12.59
CA GLY A 555 -3.68 4.16 -11.21
C GLY A 555 -4.62 5.33 -11.07
N ILE A 556 -4.19 6.32 -10.30
CA ILE A 556 -4.99 7.50 -10.04
C ILE A 556 -5.25 8.29 -11.33
N LEU A 557 -4.41 8.06 -12.34
CA LEU A 557 -4.51 8.79 -13.59
C LEU A 557 -5.06 7.93 -14.73
N ILE A 558 -5.76 6.86 -14.40
CA ILE A 558 -6.19 5.87 -15.39
C ILE A 558 -7.08 6.49 -16.48
N ARG A 559 -7.82 7.54 -16.14
CA ARG A 559 -8.65 8.24 -17.12
C ARG A 559 -7.80 8.96 -18.16
N SER A 560 -6.53 9.18 -17.84
CA SER A 560 -5.62 9.92 -18.71
C SER A 560 -4.95 9.02 -19.74
N ALA A 561 -5.21 7.71 -19.64
CA ALA A 561 -4.49 6.72 -20.43
C ALA A 561 -4.66 6.93 -21.93
N THR A 562 -3.52 7.08 -22.61
CA THR A 562 -3.51 7.09 -24.06
C THR A 562 -2.83 5.82 -24.56
N GLY A 563 -2.82 5.64 -25.87
CA GLY A 563 -2.25 4.45 -26.48
C GLY A 563 -3.03 4.06 -27.72
N VAL A 564 -3.12 2.76 -27.98
CA VAL A 564 -3.90 2.28 -29.11
C VAL A 564 -4.93 1.26 -28.63
N PHE A 565 -6.21 1.61 -28.74
CA PHE A 565 -7.28 0.76 -28.22
C PHE A 565 -8.14 0.21 -29.36
N PHE A 566 -8.28 -1.12 -29.38
CA PHE A 566 -9.03 -1.83 -30.41
C PHE A 566 -10.35 -2.34 -29.83
N TRP A 567 -11.43 -1.60 -30.09
CA TRP A 567 -12.75 -1.95 -29.53
C TRP A 567 -13.61 -2.75 -30.50
N ILE A 568 -14.37 -3.70 -29.99
CA ILE A 568 -15.46 -4.30 -30.76
C ILE A 568 -16.75 -4.30 -29.94
N PHE A 569 -17.88 -4.16 -30.63
CA PHE A 569 -19.16 -4.00 -29.96
C PHE A 569 -20.21 -4.98 -30.48
N ALA A 570 -21.14 -5.36 -29.61
CA ALA A 570 -22.16 -6.36 -29.94
C ALA A 570 -23.20 -5.86 -30.93
N ASN A 571 -23.12 -4.60 -31.33
CA ASN A 571 -24.04 -4.06 -32.32
C ASN A 571 -23.49 -4.18 -33.73
N GLY A 572 -22.37 -4.87 -33.86
CA GLY A 572 -21.77 -5.13 -35.16
C GLY A 572 -20.87 -3.99 -35.64
N SER A 573 -20.02 -3.50 -34.74
CA SER A 573 -19.12 -2.41 -35.10
C SER A 573 -17.81 -2.48 -34.33
N TYR A 574 -16.81 -1.75 -34.79
CA TYR A 574 -15.53 -1.66 -34.11
C TYR A 574 -15.02 -0.22 -34.12
N ARG A 575 -14.06 0.06 -33.26
CA ARG A 575 -13.43 1.37 -33.20
C ARG A 575 -11.97 1.26 -32.79
N VAL A 576 -11.15 2.16 -33.28
CA VAL A 576 -9.76 2.26 -32.86
C VAL A 576 -9.50 3.65 -32.31
N THR A 577 -9.21 3.74 -31.02
CA THR A 577 -9.03 5.05 -30.39
C THR A 577 -7.62 5.26 -29.84
N ALA A 578 -7.25 6.52 -29.68
CA ALA A 578 -5.96 6.89 -29.11
C ALA A 578 -6.02 6.97 -27.59
N ASP A 579 -7.24 6.98 -27.04
CA ASP A 579 -7.43 7.16 -25.61
C ASP A 579 -8.46 6.19 -25.03
N LEU A 580 -8.31 5.89 -23.75
CA LEU A 580 -9.24 5.01 -23.05
C LEU A 580 -10.65 5.59 -23.03
N GLY A 581 -10.73 6.92 -22.98
CA GLY A 581 -12.00 7.61 -22.95
C GLY A 581 -12.71 7.62 -24.30
N GLY A 582 -11.96 7.26 -25.35
CA GLY A 582 -12.53 7.12 -26.67
C GLY A 582 -12.90 8.42 -27.36
N TRP A 583 -12.26 9.52 -26.95
CA TRP A 583 -12.53 10.81 -27.57
C TRP A 583 -11.84 10.94 -28.93
N ILE A 584 -10.71 10.24 -29.10
CA ILE A 584 -9.89 10.41 -30.29
C ILE A 584 -9.87 9.16 -31.17
N THR A 585 -10.43 9.28 -32.37
CA THR A 585 -10.56 8.13 -33.28
C THR A 585 -9.39 7.96 -34.24
N TYR A 586 -8.86 6.75 -34.30
CA TYR A 586 -7.87 6.38 -35.30
C TYR A 586 -8.54 5.72 -36.51
N ALA A 587 -9.54 4.88 -36.23
CA ALA A 587 -10.32 4.21 -37.25
C ALA A 587 -11.63 3.66 -36.68
N SER A 588 -12.59 3.39 -37.56
CA SER A 588 -13.88 2.84 -37.16
C SER A 588 -14.61 2.25 -38.36
N GLY A 589 -15.51 1.31 -38.09
CA GLY A 589 -16.30 0.69 -39.13
C GLY A 589 -17.19 -0.42 -38.62
N HIS A 590 -17.68 -1.26 -39.53
CA HIS A 590 -18.55 -2.37 -39.15
C HIS A 590 -17.76 -3.66 -39.02
N ALA A 591 -18.31 -4.61 -38.26
CA ALA A 591 -17.65 -5.89 -38.05
C ALA A 591 -18.66 -6.98 -37.72
N ASP A 592 -18.35 -8.21 -38.13
CA ASP A 592 -19.22 -9.36 -37.88
C ASP A 592 -19.13 -9.78 -36.42
N VAL A 593 -19.68 -8.96 -35.53
CA VAL A 593 -19.57 -9.19 -34.09
C VAL A 593 -20.93 -9.11 -33.41
N THR A 594 -21.21 -10.10 -32.57
CA THR A 594 -22.44 -10.12 -31.78
C THR A 594 -22.11 -10.54 -30.34
N ALA A 595 -23.12 -10.60 -29.48
CA ALA A 595 -22.91 -11.01 -28.10
C ALA A 595 -22.88 -12.54 -27.97
N LYS A 596 -22.32 -13.00 -26.85
CA LYS A 596 -22.29 -14.42 -26.50
C LYS A 596 -21.60 -15.26 -27.57
N ARG A 597 -20.57 -14.71 -28.19
CA ARG A 597 -19.78 -15.42 -29.19
C ARG A 597 -18.30 -15.17 -28.93
N TRP A 598 -17.48 -16.19 -29.10
CA TRP A 598 -16.04 -16.06 -28.91
C TRP A 598 -15.34 -15.58 -30.19
N TYR A 599 -14.61 -14.49 -30.08
CA TYR A 599 -13.79 -14.00 -31.18
C TYR A 599 -12.34 -13.88 -30.74
N THR A 600 -11.42 -13.95 -31.70
CA THR A 600 -10.01 -13.74 -31.42
C THR A 600 -9.57 -12.39 -31.95
N LEU A 601 -9.18 -11.51 -31.04
CA LEU A 601 -8.67 -10.19 -31.43
C LEU A 601 -7.16 -10.19 -31.48
N THR A 602 -6.61 -9.61 -32.53
CA THR A 602 -5.18 -9.37 -32.60
C THR A 602 -4.93 -7.90 -32.92
N LEU A 603 -4.03 -7.28 -32.16
CA LEU A 603 -3.66 -5.90 -32.39
C LEU A 603 -2.15 -5.80 -32.55
N GLY A 604 -1.70 -5.30 -33.68
CA GLY A 604 -0.29 -5.15 -33.95
C GLY A 604 0.09 -3.70 -34.09
N ILE A 605 1.12 -3.27 -33.37
CA ILE A 605 1.56 -1.89 -33.42
C ILE A 605 3.05 -1.80 -33.68
N LYS A 606 3.42 -1.14 -34.76
CA LYS A 606 4.84 -0.90 -35.07
C LYS A 606 5.01 0.52 -35.61
N GLY A 607 5.96 1.25 -35.03
CA GLY A 607 6.22 2.63 -35.40
C GLY A 607 4.98 3.49 -35.51
N TYR A 608 4.77 4.07 -36.68
CA TYR A 608 3.65 4.97 -36.93
C TYR A 608 2.36 4.25 -37.30
N PHE A 609 2.40 2.93 -37.41
CA PHE A 609 1.26 2.21 -37.96
C PHE A 609 0.80 1.03 -37.12
N ALA A 610 -0.50 0.78 -37.16
CA ALA A 610 -1.10 -0.33 -36.44
C ALA A 610 -2.09 -1.08 -37.31
N PHE A 611 -2.30 -2.35 -37.01
CA PHE A 611 -3.32 -3.15 -37.70
C PHE A 611 -4.11 -3.97 -36.69
N GLY A 612 -5.30 -4.40 -37.10
CA GLY A 612 -6.15 -5.22 -36.24
C GLY A 612 -6.72 -6.41 -36.97
N MET A 613 -6.78 -7.55 -36.28
CA MET A 613 -7.32 -8.76 -36.87
C MET A 613 -8.50 -9.30 -36.08
N LEU A 614 -9.45 -9.89 -36.81
CA LEU A 614 -10.59 -10.55 -36.21
C LEU A 614 -10.65 -11.99 -36.70
N ASN A 615 -10.44 -12.93 -35.78
CA ASN A 615 -10.34 -14.35 -36.12
C ASN A 615 -9.29 -14.63 -37.19
N GLY A 616 -8.15 -13.95 -37.10
CA GLY A 616 -7.04 -14.19 -38.00
C GLY A 616 -7.15 -13.48 -39.34
N THR A 617 -8.24 -12.75 -39.55
CA THR A 617 -8.45 -12.03 -40.80
C THR A 617 -8.36 -10.53 -40.58
N ILE A 618 -7.66 -9.84 -41.48
CA ILE A 618 -7.44 -8.40 -41.36
C ILE A 618 -8.75 -7.61 -41.36
N LEU A 619 -8.94 -6.81 -40.32
CA LEU A 619 -10.08 -5.92 -40.22
C LEU A 619 -9.67 -4.51 -40.64
N TRP A 620 -8.50 -4.09 -40.17
CA TRP A 620 -7.92 -2.81 -40.56
C TRP A 620 -6.40 -2.89 -40.52
N LYS A 621 -5.74 -2.12 -41.38
CA LYS A 621 -4.29 -2.20 -41.53
C LYS A 621 -3.70 -0.84 -41.87
N ASN A 622 -2.42 -0.65 -41.55
CA ASN A 622 -1.70 0.59 -41.84
C ASN A 622 -2.37 1.85 -41.32
N VAL A 623 -3.13 1.71 -40.23
CA VAL A 623 -3.77 2.87 -39.62
C VAL A 623 -2.74 3.65 -38.83
N ARG A 624 -2.58 4.92 -39.18
CA ARG A 624 -1.56 5.76 -38.56
C ARG A 624 -1.87 6.07 -37.11
N VAL A 625 -0.90 5.82 -36.26
CA VAL A 625 -1.01 6.12 -34.84
C VAL A 625 0.11 7.07 -34.46
N LYS A 626 0.01 7.67 -33.28
CA LYS A 626 1.06 8.60 -32.86
C LYS A 626 2.31 7.86 -32.42
N TYR A 627 3.45 8.43 -32.79
CA TYR A 627 4.74 7.82 -32.54
C TYR A 627 5.78 8.93 -32.48
N PRO A 628 6.76 8.82 -31.58
CA PRO A 628 7.00 7.72 -30.63
C PRO A 628 6.00 7.66 -29.48
N GLY A 629 5.86 6.47 -28.91
CA GLY A 629 4.96 6.24 -27.80
C GLY A 629 5.20 4.86 -27.22
N HIS A 630 5.00 4.71 -25.92
CA HIS A 630 5.22 3.44 -25.26
C HIS A 630 4.24 3.24 -24.11
N GLY A 631 4.10 1.99 -23.68
CA GLY A 631 3.19 1.67 -22.59
C GLY A 631 2.85 0.19 -22.53
N TRP A 632 2.01 -0.19 -21.57
CA TRP A 632 1.65 -1.58 -21.37
C TRP A 632 0.69 -2.11 -22.41
N ALA A 633 0.41 -3.41 -22.33
CA ALA A 633 -0.71 -4.01 -23.04
C ALA A 633 -1.88 -4.07 -22.06
N ALA A 634 -3.10 -4.20 -22.58
CA ALA A 634 -4.26 -4.23 -21.71
C ALA A 634 -5.49 -4.90 -22.32
N ILE A 635 -6.43 -5.26 -21.46
CA ILE A 635 -7.74 -5.76 -21.85
C ILE A 635 -8.80 -5.04 -21.03
N GLY A 636 -10.02 -4.98 -21.54
CA GLY A 636 -11.10 -4.33 -20.80
C GLY A 636 -12.46 -4.39 -21.45
N THR A 637 -13.43 -3.75 -20.79
CA THR A 637 -14.81 -3.74 -21.26
C THR A 637 -15.29 -2.30 -21.40
N HIS A 638 -16.30 -2.08 -22.25
CA HIS A 638 -16.76 -0.73 -22.56
C HIS A 638 -17.28 -0.01 -21.31
N THR A 639 -18.12 -0.68 -20.53
CA THR A 639 -18.57 -0.15 -19.26
C THR A 639 -18.37 -1.19 -18.18
N PHE A 640 -18.98 -0.97 -17.02
CA PHE A 640 -18.97 -1.97 -15.96
C PHE A 640 -19.96 -3.08 -16.34
N GLU A 641 -19.45 -4.07 -17.06
CA GLU A 641 -20.25 -5.13 -17.64
C GLU A 641 -19.50 -6.46 -17.66
N PHE A 642 -20.23 -7.57 -17.57
CA PHE A 642 -19.60 -8.89 -17.62
C PHE A 642 -18.98 -9.17 -18.98
N ALA A 643 -17.77 -9.70 -18.96
CA ALA A 643 -17.10 -10.13 -20.19
C ALA A 643 -15.98 -11.11 -19.84
N GLN A 644 -15.65 -12.00 -20.77
CA GLN A 644 -14.63 -12.99 -20.52
C GLN A 644 -13.48 -12.90 -21.52
N PHE A 645 -12.31 -13.35 -21.08
CA PHE A 645 -11.09 -13.29 -21.88
C PHE A 645 -10.37 -14.62 -21.75
N ASP A 646 -9.66 -15.02 -22.80
CA ASP A 646 -8.96 -16.30 -22.78
C ASP A 646 -7.80 -16.31 -23.76
N ASN A 647 -6.84 -17.19 -23.52
CA ASN A 647 -5.69 -17.37 -24.40
C ASN A 647 -4.98 -16.05 -24.70
N PHE A 648 -4.56 -15.36 -23.65
CA PHE A 648 -3.89 -14.09 -23.81
C PHE A 648 -2.43 -14.28 -24.19
N ARG A 649 -1.98 -13.52 -25.17
CA ARG A 649 -0.58 -13.55 -25.58
C ARG A 649 -0.11 -12.17 -26.01
N VAL A 650 1.18 -11.90 -25.79
CA VAL A 650 1.77 -10.66 -26.24
C VAL A 650 3.22 -10.87 -26.66
N GLU A 651 3.58 -10.32 -27.81
CA GLU A 651 4.96 -10.28 -28.25
C GLU A 651 5.34 -8.82 -28.44
N ALA A 652 6.43 -8.39 -27.81
CA ALA A 652 6.77 -6.97 -27.80
C ALA A 652 8.27 -6.71 -27.94
N ALA A 653 8.60 -5.50 -28.35
CA ALA A 653 9.97 -5.04 -28.42
C ALA A 653 10.14 -3.78 -27.57
N ARG A 654 11.15 -3.80 -26.70
CA ARG A 654 11.37 -2.71 -25.77
C ARG A 654 12.48 -1.77 -26.25
C1 NAG B . 3.21 16.78 23.77
C2 NAG B . 2.85 16.92 25.24
C3 NAG B . 3.24 18.31 25.75
C4 NAG B . 4.67 18.67 25.38
C5 NAG B . 4.97 18.34 23.92
C6 NAG B . 6.44 18.43 23.57
C7 NAG B . 0.92 15.59 26.00
C8 NAG B . 1.92 14.57 26.45
N2 NAG B . 1.42 16.70 25.43
O3 NAG B . 3.08 18.33 27.17
O4 NAG B . 4.80 20.08 25.54
O5 NAG B . 4.58 16.99 23.62
O6 NAG B . 6.63 18.99 22.27
O7 NAG B . -0.28 15.43 26.15
C1 NAG B . 5.90 20.57 26.35
C2 NAG B . 5.97 20.00 27.78
C3 NAG B . 7.06 20.71 28.58
C4 NAG B . 8.38 20.70 27.82
C5 NAG B . 8.19 21.23 26.40
C6 NAG B . 9.44 21.14 25.56
C7 NAG B . 4.36 19.50 29.57
C8 NAG B . 2.99 19.77 30.12
N2 NAG B . 4.68 20.14 28.45
O3 NAG B . 7.23 20.08 29.83
O4 NAG B . 9.34 21.52 28.49
O5 NAG B . 7.18 20.46 25.74
O6 NAG B . 9.15 20.69 24.25
O7 NAG B . 5.14 18.72 30.13
C1 NAG C . 14.70 -6.72 28.95
C2 NAG C . 14.27 -7.19 30.34
C3 NAG C . 14.29 -8.71 30.42
C4 NAG C . 13.26 -9.31 29.48
C5 NAG C . 13.29 -8.61 28.11
C6 NAG C . 12.08 -7.75 27.83
C7 NAG C . 16.43 -6.72 31.45
C8 NAG C . 17.08 -6.02 32.61
N2 NAG C . 15.09 -6.59 31.38
O3 NAG C . 14.02 -9.11 31.76
O4 NAG C . 13.53 -10.69 29.30
O5 NAG C . 14.46 -7.80 27.95
O6 NAG C . 10.95 -8.54 27.50
O7 NAG C . 17.08 -7.36 30.64
C1 NAG C . 12.39 -11.49 29.67
C2 NAG C . 12.72 -12.95 29.38
C3 NAG C . 11.54 -13.84 29.76
C4 NAG C . 11.13 -13.58 31.20
C5 NAG C . 10.86 -12.09 31.42
C6 NAG C . 10.56 -11.74 32.86
C7 NAG C . 14.34 -13.09 27.54
C8 NAG C . 14.53 -13.31 26.08
N2 NAG C . 13.08 -13.15 27.99
O3 NAG C . 11.91 -15.21 29.60
O4 NAG C . 9.95 -14.32 31.51
O5 NAG C . 12.02 -11.33 31.04
O6 NAG C . 11.05 -10.46 33.19
O7 NAG C . 15.29 -12.86 28.30
C1 NAG D . 9.84 -0.02 -33.56
C2 NAG D . 11.35 -0.05 -33.39
C3 NAG D . 12.00 1.17 -34.02
C4 NAG D . 11.54 1.33 -35.47
C5 NAG D . 10.01 1.34 -35.52
C6 NAG D . 9.46 1.44 -36.92
C7 NAG D . 11.92 -1.28 -31.33
C8 NAG D . 12.27 -1.18 -29.88
N2 NAG D . 11.71 -0.13 -31.98
O3 NAG D . 13.41 1.05 -33.98
O4 NAG D . 12.04 2.56 -35.99
O5 NAG D . 9.51 0.12 -34.95
O6 NAG D . 9.68 0.23 -37.64
O7 NAG D . 11.81 -2.37 -31.90
C1 NAG D . 12.87 2.30 -37.13
C2 NAG D . 12.88 3.55 -38.02
C3 NAG D . 13.75 3.33 -39.25
C4 NAG D . 15.13 2.87 -38.85
C5 NAG D . 15.04 1.65 -37.93
C6 NAG D . 16.38 1.20 -37.40
C7 NAG D . 10.87 4.94 -37.82
C8 NAG D . 9.48 5.19 -38.34
N2 NAG D . 11.53 3.93 -38.39
O3 NAG D . 13.82 4.54 -39.99
O4 NAG D . 15.90 2.54 -40.00
O5 NAG D . 14.21 1.95 -36.80
O6 NAG D . 16.38 -0.18 -37.09
O7 NAG D . 11.36 5.62 -36.92
C1 DGJ E . -2.96 9.07 -0.02
C2 DGJ E . -3.78 7.79 -0.09
O2 DGJ E . -4.31 7.47 1.20
C3 DGJ E . -2.90 6.63 -0.59
O3 DGJ E . -3.71 5.61 -1.14
C4 DGJ E . -1.90 7.14 -1.62
O4 DGJ E . -2.59 7.71 -2.73
C5 DGJ E . -0.94 8.15 -1.00
N5 DGJ E . -1.52 8.87 0.14
C6 DGJ E . -0.36 9.12 -2.01
O6 DGJ E . 0.72 9.84 -1.43
C1 NAG F . 24.97 26.26 8.94
C2 NAG F . 25.43 27.53 8.20
C3 NAG F . 26.94 27.54 8.06
C4 NAG F . 27.60 27.35 9.43
C5 NAG F . 27.09 26.07 10.06
C6 NAG F . 27.64 25.82 11.44
C7 NAG F . 23.55 28.02 6.68
C8 NAG F . 23.07 28.04 5.26
N2 NAG F . 24.82 27.62 6.88
O3 NAG F . 27.36 28.75 7.45
O4 NAG F . 29.01 27.24 9.29
O5 NAG F . 25.67 26.15 10.19
O6 NAG F . 27.24 26.81 12.39
O7 NAG F . 22.81 28.32 7.62
CA CA G . -8.51 -21.03 -20.97
#